data_8RPX
#
_entry.id   8RPX
#
_cell.length_a   114.635
_cell.length_b   167.059
_cell.length_c   56.514
_cell.angle_alpha   90.000
_cell.angle_beta   90.000
_cell.angle_gamma   90.000
#
_symmetry.space_group_name_H-M   'P 21 21 2'
#
loop_
_entity.id
_entity.type
_entity.pdbx_description
1 polymer 'Restriction endonuclease (NhoI)'
2 polymer "DNA (5'-D(*CP*TP*GP*(5CM)P*AP*GP*(5CM)P*TP*C)-3')"
3 polymer "DNA(5'-D(*GP*AP*GP*(5CM)P*TP*GP*(5CM)P*AP*GP)-3')"
4 non-polymer 1,2-ETHANEDIOL
5 non-polymer 'CALCIUM ION'
6 water water
#
loop_
_entity_poly.entity_id
_entity_poly.type
_entity_poly.pdbx_seq_one_letter_code
_entity_poly.pdbx_strand_id
1 'polypeptide(L)'
;GSMSRPPSYAGDMNLENLTTRELLAVSRASLRELKRRGVIRSGNAPAGDYAELLVQRATDGELANASQKSWDIRTTEGDR
LQVKARVITDEHANGERQLSTIRSWDFDAAVIVLFDDNFRVWRAARVPAAIMKEAAYYSQHVRGYTVYAKDALLNHSEVE
DWTEQLRSVEQ
;
A,B,C,D,E
2 'polydeoxyribonucleotide' (DC)(DT)(DG)(5CM)(DA)(DG)(5CM)(DT)(DC) F,H,J
3 'polydeoxyribonucleotide' (DG)(DA)(DG)(5CM)(DT)(DG)(5CM)(DA)(DG) G,I,K
#
loop_
_chem_comp.id
_chem_comp.type
_chem_comp.name
_chem_comp.formula
5CM DNA linking 5-METHYL-2'-DEOXY-CYTIDINE-5'-MONOPHOSPHATE 'C10 H16 N3 O7 P'
CA non-polymer 'CALCIUM ION' 'Ca 2'
DA DNA linking 2'-DEOXYADENOSINE-5'-MONOPHOSPHATE 'C10 H14 N5 O6 P'
DC DNA linking 2'-DEOXYCYTIDINE-5'-MONOPHOSPHATE 'C9 H14 N3 O7 P'
DG DNA linking 2'-DEOXYGUANOSINE-5'-MONOPHOSPHATE 'C10 H14 N5 O7 P'
DT DNA linking THYMIDINE-5'-MONOPHOSPHATE 'C10 H15 N2 O8 P'
EDO non-polymer 1,2-ETHANEDIOL 'C2 H6 O2'
#
# COMPACT_ATOMS: atom_id res chain seq x y z
N ASN A 14 -31.29 -18.90 9.32
CA ASN A 14 -30.75 -18.21 10.48
C ASN A 14 -29.28 -18.52 10.63
N LEU A 15 -28.46 -17.50 10.89
CA LEU A 15 -27.02 -17.70 10.91
C LEU A 15 -26.56 -18.43 12.17
N GLU A 16 -27.37 -18.43 13.23
CA GLU A 16 -26.97 -19.14 14.44
C GLU A 16 -26.98 -20.65 14.24
N ASN A 17 -27.72 -21.13 13.23
CA ASN A 17 -27.78 -22.53 12.87
C ASN A 17 -26.66 -22.98 11.94
N LEU A 18 -25.87 -22.06 11.41
CA LEU A 18 -24.83 -22.44 10.48
C LEU A 18 -23.58 -22.90 11.22
N THR A 19 -22.86 -23.83 10.62
CA THR A 19 -21.56 -24.16 11.17
C THR A 19 -20.60 -22.97 10.97
N THR A 20 -19.54 -22.93 11.77
CA THR A 20 -18.56 -21.86 11.61
C THR A 20 -17.97 -21.88 10.22
N ARG A 21 -17.77 -23.07 9.65
CA ARG A 21 -17.28 -23.17 8.28
C ARG A 21 -18.25 -22.49 7.31
N GLU A 22 -19.55 -22.75 7.48
CA GLU A 22 -20.57 -22.13 6.62
C GLU A 22 -20.64 -20.63 6.84
N LEU A 23 -20.48 -20.15 8.08
CA LEU A 23 -20.47 -18.72 8.34
C LEU A 23 -19.34 -18.01 7.61
N LEU A 24 -18.13 -18.59 7.69
CA LEU A 24 -16.99 -17.99 7.02
C LEU A 24 -17.17 -17.98 5.51
N ALA A 25 -17.73 -19.06 4.96
CA ALA A 25 -17.96 -19.11 3.52
C ALA A 25 -18.99 -18.07 3.11
N VAL A 26 -20.00 -17.86 3.94
CA VAL A 26 -21.02 -16.85 3.64
C VAL A 26 -20.42 -15.45 3.70
N SER A 27 -19.47 -15.24 4.62
CA SER A 27 -18.75 -13.96 4.65
C SER A 27 -18.09 -13.68 3.31
N ARG A 28 -17.44 -14.67 2.72
CA ARG A 28 -16.81 -14.47 1.41
C ARG A 28 -17.85 -14.36 0.30
N ALA A 29 -18.88 -15.22 0.34
CA ALA A 29 -19.86 -15.24 -0.74
C ALA A 29 -20.61 -13.92 -0.84
N SER A 30 -20.94 -13.30 0.30
CA SER A 30 -21.64 -12.02 0.24
C SER A 30 -20.74 -10.93 -0.33
N LEU A 31 -19.47 -10.94 0.05
CA LEU A 31 -18.51 -10.02 -0.56
C LEU A 31 -18.43 -10.22 -2.07
N ARG A 32 -18.36 -11.48 -2.53
CA ARG A 32 -18.29 -11.74 -3.97
C ARG A 32 -19.54 -11.24 -4.70
N GLU A 33 -20.72 -11.42 -4.10
CA GLU A 33 -21.93 -11.00 -4.78
C GLU A 33 -22.04 -9.49 -4.81
N LEU A 34 -21.63 -8.82 -3.74
CA LEU A 34 -21.62 -7.36 -3.76
C LEU A 34 -20.70 -6.82 -4.86
N LYS A 35 -19.53 -7.45 -5.05
CA LYS A 35 -18.63 -6.99 -6.11
C LYS A 35 -19.17 -7.33 -7.49
N ARG A 36 -19.77 -8.51 -7.65
CA ARG A 36 -20.36 -8.88 -8.93
C ARG A 36 -21.41 -7.86 -9.38
N ARG A 37 -22.20 -7.32 -8.43
CA ARG A 37 -23.21 -6.31 -8.74
C ARG A 37 -22.66 -4.90 -8.85
N GLY A 38 -21.37 -4.69 -8.59
CA GLY A 38 -20.82 -3.36 -8.62
C GLY A 38 -21.12 -2.50 -7.42
N VAL A 39 -21.65 -3.08 -6.33
CA VAL A 39 -21.86 -2.28 -5.13
C VAL A 39 -20.52 -1.91 -4.51
N ILE A 40 -19.56 -2.83 -4.55
CA ILE A 40 -18.19 -2.59 -4.13
C ILE A 40 -17.30 -2.96 -5.31
N ARG A 41 -16.03 -2.61 -5.20
CA ARG A 41 -15.12 -2.93 -6.30
C ARG A 41 -13.78 -3.45 -5.77
N SER A 42 -13.73 -3.88 -4.52
CA SER A 42 -12.52 -4.36 -3.90
C SER A 42 -12.87 -5.47 -2.91
N GLY A 43 -11.83 -6.17 -2.43
CA GLY A 43 -11.95 -7.15 -1.39
C GLY A 43 -11.93 -6.60 0.03
N ASN A 44 -11.92 -5.28 0.20
CA ASN A 44 -12.04 -4.70 1.54
C ASN A 44 -13.42 -5.00 2.11
N ALA A 45 -13.56 -4.83 3.43
CA ALA A 45 -14.91 -4.82 4.00
C ALA A 45 -15.74 -3.80 3.25
N PRO A 46 -17.04 -4.05 3.07
CA PRO A 46 -17.82 -3.25 2.11
C PRO A 46 -17.97 -1.77 2.46
N ALA A 47 -17.75 -1.36 3.72
CA ALA A 47 -18.15 -0.02 4.13
C ALA A 47 -17.48 1.05 3.28
N GLY A 48 -16.18 0.92 3.03
CA GLY A 48 -15.48 1.96 2.29
C GLY A 48 -16.00 2.15 0.87
N ASP A 49 -16.09 1.06 0.10
CA ASP A 49 -16.57 1.19 -1.28
C ASP A 49 -18.04 1.57 -1.33
N TYR A 50 -18.85 1.04 -0.41
CA TYR A 50 -20.27 1.32 -0.44
C TYR A 50 -20.55 2.79 -0.13
N ALA A 51 -19.84 3.37 0.84
CA ALA A 51 -19.97 4.80 1.09
C ALA A 51 -19.58 5.63 -0.12
N GLU A 52 -18.49 5.25 -0.83
CA GLU A 52 -18.14 5.98 -2.05
C GLU A 52 -19.25 5.87 -3.08
N LEU A 53 -19.86 4.69 -3.20
CA LEU A 53 -20.96 4.51 -4.16
C LEU A 53 -22.14 5.42 -3.84
N LEU A 54 -22.51 5.51 -2.55
CA LEU A 54 -23.64 6.39 -2.19
C LEU A 54 -23.31 7.84 -2.50
N VAL A 55 -22.08 8.27 -2.21
CA VAL A 55 -21.73 9.67 -2.48
C VAL A 55 -21.75 9.92 -3.97
N GLN A 56 -21.27 8.95 -4.76
CA GLN A 56 -21.32 9.08 -6.21
C GLN A 56 -22.75 9.14 -6.72
N ARG A 57 -23.63 8.27 -6.21
CA ARG A 57 -25.05 8.34 -6.57
C ARG A 57 -25.63 9.70 -6.18
N ALA A 58 -25.23 10.23 -5.02
CA ALA A 58 -25.83 11.48 -4.54
C ALA A 58 -25.31 12.71 -5.27
N THR A 59 -24.09 12.67 -5.81
CA THR A 59 -23.49 13.82 -6.47
C THR A 59 -23.40 13.67 -7.97
N ASP A 60 -23.76 12.50 -8.51
CA ASP A 60 -23.56 12.18 -9.92
C ASP A 60 -22.13 12.46 -10.35
N GLY A 61 -21.19 12.20 -9.44
CA GLY A 61 -19.80 12.52 -9.65
C GLY A 61 -19.02 11.37 -10.29
N GLU A 62 -17.73 11.63 -10.52
CA GLU A 62 -16.84 10.67 -11.14
C GLU A 62 -15.94 10.03 -10.09
N LEU A 63 -15.96 8.69 -10.01
CA LEU A 63 -15.11 7.98 -9.07
C LEU A 63 -13.67 8.03 -9.51
N ALA A 64 -12.77 8.37 -8.59
CA ALA A 64 -11.36 8.35 -8.93
C ALA A 64 -10.85 6.91 -8.91
N ASN A 65 -9.70 6.70 -9.53
CA ASN A 65 -9.00 5.41 -9.45
C ASN A 65 -8.89 4.98 -7.99
N ALA A 66 -9.02 3.68 -7.74
CA ALA A 66 -9.11 3.18 -6.36
C ALA A 66 -7.87 3.52 -5.54
N SER A 67 -6.70 3.58 -6.17
CA SER A 67 -5.46 3.91 -5.49
C SER A 67 -5.08 5.38 -5.65
N GLN A 68 -6.03 6.22 -6.05
CA GLN A 68 -5.76 7.64 -6.19
C GLN A 68 -5.52 8.31 -4.84
N LYS A 69 -4.50 9.17 -4.80
CA LYS A 69 -4.12 9.89 -3.60
C LYS A 69 -5.06 11.08 -3.37
N SER A 70 -5.53 11.24 -2.12
CA SER A 70 -6.08 12.49 -1.61
C SER A 70 -7.60 12.54 -1.68
N TRP A 71 -8.18 12.09 -2.78
CA TRP A 71 -9.63 12.22 -2.90
C TRP A 71 -10.18 11.04 -3.69
N ASP A 72 -11.50 10.90 -3.64
CA ASP A 72 -12.24 9.74 -4.13
C ASP A 72 -13.20 10.05 -5.26
N ILE A 73 -13.86 11.20 -5.21
CA ILE A 73 -14.94 11.54 -6.13
C ILE A 73 -14.79 13.00 -6.51
N ARG A 74 -14.90 13.30 -7.80
N ARG A 74 -14.89 13.30 -7.80
CA ARG A 74 -14.98 14.67 -8.28
CA ARG A 74 -14.97 14.67 -8.27
C ARG A 74 -16.42 14.97 -8.65
C ARG A 74 -16.42 14.97 -8.64
N THR A 75 -16.98 16.02 -8.03
CA THR A 75 -18.34 16.42 -8.33
C THR A 75 -18.42 17.07 -9.70
N THR A 76 -19.65 17.17 -10.22
CA THR A 76 -19.85 17.82 -11.52
C THR A 76 -19.38 19.27 -11.48
N GLU A 77 -19.47 19.92 -10.32
CA GLU A 77 -18.99 21.28 -10.17
C GLU A 77 -17.48 21.36 -9.90
N GLY A 78 -16.80 20.22 -9.82
CA GLY A 78 -15.36 20.19 -9.63
C GLY A 78 -14.86 19.99 -8.22
N ASP A 79 -15.75 19.81 -7.24
CA ASP A 79 -15.31 19.54 -5.89
C ASP A 79 -14.67 18.16 -5.82
N ARG A 80 -13.47 18.09 -5.26
CA ARG A 80 -12.79 16.82 -5.00
C ARG A 80 -13.14 16.36 -3.59
N LEU A 81 -13.86 15.24 -3.48
CA LEU A 81 -14.42 14.79 -2.21
C LEU A 81 -13.63 13.59 -1.69
N GLN A 82 -13.25 13.66 -0.42
CA GLN A 82 -12.61 12.55 0.28
C GLN A 82 -13.65 11.90 1.19
N VAL A 83 -14.08 10.69 0.83
CA VAL A 83 -15.14 10.00 1.55
C VAL A 83 -14.52 9.22 2.71
N LYS A 84 -15.08 9.38 3.91
CA LYS A 84 -14.60 8.67 5.09
C LYS A 84 -15.81 8.08 5.81
N ALA A 85 -15.84 6.76 5.97
CA ALA A 85 -16.99 6.10 6.58
C ALA A 85 -16.58 5.36 7.84
N ARG A 86 -17.54 5.24 8.74
CA ARG A 86 -17.44 4.34 9.87
C ARG A 86 -18.81 3.70 10.07
N VAL A 87 -18.79 2.46 10.55
CA VAL A 87 -20.03 1.78 10.92
C VAL A 87 -20.17 1.94 12.44
N ILE A 88 -21.27 2.56 12.85
CA ILE A 88 -21.49 2.92 14.24
C ILE A 88 -22.37 1.86 14.87
N THR A 89 -21.84 1.14 15.85
CA THR A 89 -22.67 0.27 16.67
C THR A 89 -23.11 0.93 17.97
N ASP A 90 -22.40 1.97 18.41
CA ASP A 90 -22.70 2.68 19.65
C ASP A 90 -22.60 4.17 19.33
N GLU A 91 -23.75 4.84 19.29
CA GLU A 91 -23.77 6.25 18.89
C GLU A 91 -23.02 7.15 19.87
N HIS A 92 -22.78 6.69 21.10
CA HIS A 92 -22.08 7.49 22.10
C HIS A 92 -20.61 7.14 22.25
N ALA A 93 -20.08 6.21 21.43
CA ALA A 93 -18.71 5.75 21.56
C ALA A 93 -17.76 6.68 20.79
N ASN A 94 -16.89 7.38 21.54
CA ASN A 94 -15.94 8.29 20.91
C ASN A 94 -15.06 7.57 19.88
N GLY A 95 -14.61 6.36 20.19
CA GLY A 95 -13.67 5.68 19.29
C GLY A 95 -14.24 5.35 17.93
N GLU A 96 -15.56 5.13 17.86
CA GLU A 96 -16.16 4.77 16.59
C GLU A 96 -16.31 5.94 15.64
N ARG A 97 -16.06 7.17 16.10
CA ARG A 97 -16.03 8.33 15.21
C ARG A 97 -14.66 8.54 14.57
N GLN A 98 -13.65 7.76 14.94
CA GLN A 98 -12.31 7.99 14.41
C GLN A 98 -12.27 7.64 12.94
N LEU A 99 -11.96 8.62 12.11
CA LEU A 99 -11.90 8.40 10.68
C LEU A 99 -10.55 7.83 10.26
N SER A 100 -10.55 7.15 9.13
CA SER A 100 -9.32 6.61 8.57
C SER A 100 -8.31 7.74 8.36
N THR A 101 -7.03 7.39 8.51
CA THR A 101 -5.98 8.41 8.57
C THR A 101 -5.92 9.23 7.28
N ILE A 102 -5.53 10.49 7.43
CA ILE A 102 -5.41 11.40 6.30
C ILE A 102 -3.94 11.75 6.17
N ARG A 103 -3.36 11.45 5.00
CA ARG A 103 -1.95 11.74 4.76
C ARG A 103 -1.77 12.85 3.74
N SER A 104 -2.85 13.31 3.13
CA SER A 104 -2.79 14.35 2.13
C SER A 104 -4.01 15.23 2.27
N TRP A 105 -3.80 16.54 2.21
CA TRP A 105 -4.88 17.52 2.34
C TRP A 105 -5.32 18.08 1.00
N ASP A 106 -4.93 17.44 -0.10
CA ASP A 106 -5.26 17.94 -1.44
C ASP A 106 -6.65 17.46 -1.86
N PHE A 107 -7.64 17.92 -1.11
CA PHE A 107 -9.03 17.68 -1.45
C PHE A 107 -9.82 18.91 -1.00
N ASP A 108 -11.00 19.07 -1.56
CA ASP A 108 -11.78 20.26 -1.25
C ASP A 108 -12.64 20.08 -0.01
N ALA A 109 -13.23 18.91 0.16
CA ALA A 109 -14.07 18.65 1.31
C ALA A 109 -14.10 17.16 1.57
N ALA A 110 -14.30 16.80 2.83
CA ALA A 110 -14.55 15.42 3.20
C ALA A 110 -16.05 15.19 3.31
N VAL A 111 -16.49 13.99 2.91
CA VAL A 111 -17.86 13.55 3.17
C VAL A 111 -17.80 12.40 4.16
N ILE A 112 -18.27 12.65 5.36
CA ILE A 112 -18.34 11.65 6.42
C ILE A 112 -19.64 10.89 6.27
N VAL A 113 -19.55 9.56 6.26
CA VAL A 113 -20.72 8.70 6.16
C VAL A 113 -20.69 7.79 7.37
N LEU A 114 -21.64 7.96 8.26
CA LEU A 114 -21.78 7.11 9.43
C LEU A 114 -22.93 6.14 9.18
N PHE A 115 -22.61 4.85 9.11
CA PHE A 115 -23.62 3.80 8.97
C PHE A 115 -24.04 3.30 10.34
N ASP A 116 -25.27 2.76 10.42
CA ASP A 116 -25.65 1.98 11.59
C ASP A 116 -25.25 0.53 11.38
N ASP A 117 -25.49 -0.31 12.38
CA ASP A 117 -24.97 -1.67 12.30
C ASP A 117 -25.80 -2.57 11.39
N ASN A 118 -26.84 -2.04 10.76
CA ASN A 118 -27.52 -2.72 9.67
C ASN A 118 -27.10 -2.19 8.31
N PHE A 119 -26.04 -1.39 8.26
CA PHE A 119 -25.52 -0.76 7.05
C PHE A 119 -26.47 0.26 6.44
N ARG A 120 -27.39 0.82 7.20
CA ARG A 120 -28.16 1.95 6.72
C ARG A 120 -27.45 3.26 7.07
N VAL A 121 -27.62 4.27 6.22
CA VAL A 121 -27.03 5.58 6.49
C VAL A 121 -27.68 6.18 7.72
N TRP A 122 -26.88 6.44 8.76
CA TRP A 122 -27.37 7.10 9.98
C TRP A 122 -27.18 8.62 9.90
N ARG A 123 -25.96 9.07 9.60
CA ARG A 123 -25.66 10.49 9.42
CA ARG A 123 -25.68 10.48 9.40
C ARG A 123 -24.59 10.64 8.35
N ALA A 124 -24.69 11.72 7.58
CA ALA A 124 -23.68 12.09 6.60
C ALA A 124 -23.48 13.60 6.62
N ALA A 125 -22.25 14.03 6.36
CA ALA A 125 -21.90 15.45 6.43
C ALA A 125 -20.77 15.78 5.46
N ARG A 126 -20.88 16.94 4.82
CA ARG A 126 -19.82 17.50 4.00
C ARG A 126 -19.04 18.52 4.82
N VAL A 127 -17.75 18.25 5.02
CA VAL A 127 -16.89 19.06 5.87
C VAL A 127 -15.82 19.70 5.00
N PRO A 128 -15.73 21.03 4.95
CA PRO A 128 -14.66 21.67 4.18
C PRO A 128 -13.29 21.20 4.67
N ALA A 129 -12.34 21.11 3.74
CA ALA A 129 -11.01 20.63 4.10
C ALA A 129 -10.40 21.48 5.22
N ALA A 130 -10.61 22.80 5.19
CA ALA A 130 -10.03 23.66 6.22
C ALA A 130 -10.57 23.32 7.60
N ILE A 131 -11.85 22.95 7.68
CA ILE A 131 -12.42 22.52 8.96
C ILE A 131 -11.87 21.16 9.37
N MET A 132 -11.68 20.26 8.40
CA MET A 132 -11.04 18.98 8.72
C MET A 132 -9.64 19.20 9.30
N LYS A 133 -8.86 20.11 8.70
CA LYS A 133 -7.53 20.37 9.20
C LYS A 133 -7.55 20.87 10.64
N GLU A 134 -8.51 21.75 10.95
CA GLU A 134 -8.59 22.32 12.29
C GLU A 134 -8.86 21.25 13.35
N ALA A 135 -9.57 20.20 12.99
CA ALA A 135 -9.93 19.16 13.94
C ALA A 135 -8.92 18.03 14.01
N ALA A 136 -7.87 18.08 13.21
CA ALA A 136 -6.99 16.93 13.05
C ALA A 136 -5.86 16.96 14.06
N TYR A 137 -5.43 15.77 14.49
CA TYR A 137 -4.20 15.66 15.24
CA TYR A 137 -4.24 15.56 15.32
C TYR A 137 -3.27 14.67 14.57
N TYR A 138 -1.98 14.98 14.63
CA TYR A 138 -1.00 14.25 13.85
C TYR A 138 -0.53 13.02 14.62
N SER A 139 -0.34 11.93 13.89
CA SER A 139 0.17 10.67 14.42
C SER A 139 1.49 10.35 13.73
N GLN A 140 2.61 10.52 14.44
CA GLN A 140 3.91 10.25 13.86
C GLN A 140 4.09 8.76 13.56
N HIS A 141 3.38 7.90 14.28
CA HIS A 141 3.51 6.45 14.11
C HIS A 141 3.11 6.02 12.70
N VAL A 142 2.11 6.65 12.12
CA VAL A 142 1.59 6.30 10.81
C VAL A 142 1.84 7.37 9.75
N ARG A 143 2.47 8.49 10.14
CA ARG A 143 2.70 9.62 9.24
C ARG A 143 1.38 10.09 8.63
N GLY A 144 0.40 10.38 9.49
CA GLY A 144 -0.89 10.82 9.01
C GLY A 144 -1.66 11.57 10.07
N TYR A 145 -2.79 12.14 9.64
CA TYR A 145 -3.65 12.95 10.49
C TYR A 145 -4.94 12.22 10.81
N THR A 146 -5.35 12.31 12.06
CA THR A 146 -6.56 11.69 12.59
C THR A 146 -7.61 12.75 12.86
N VAL A 147 -8.80 12.58 12.29
CA VAL A 147 -9.97 13.42 12.52
C VAL A 147 -11.08 12.55 13.09
N TYR A 148 -11.78 13.04 14.11
CA TYR A 148 -12.92 12.35 14.69
C TYR A 148 -14.23 12.99 14.25
N ALA A 149 -15.16 12.17 13.76
CA ALA A 149 -16.49 12.63 13.38
C ALA A 149 -17.39 12.83 14.61
N LYS A 150 -16.95 13.71 15.51
CA LYS A 150 -17.72 14.04 16.69
C LYS A 150 -18.90 14.93 16.34
N ASP A 151 -19.90 14.95 17.22
CA ASP A 151 -21.07 15.77 16.97
C ASP A 151 -20.69 17.23 16.79
N ALA A 152 -19.67 17.70 17.53
CA ALA A 152 -19.28 19.09 17.41
C ALA A 152 -18.79 19.40 15.99
N LEU A 153 -18.10 18.45 15.37
CA LEU A 153 -17.68 18.63 13.99
C LEU A 153 -18.86 18.55 13.04
N LEU A 154 -19.73 17.56 13.25
CA LEU A 154 -20.88 17.38 12.36
C LEU A 154 -21.80 18.59 12.41
N ASN A 155 -21.88 19.23 13.58
CA ASN A 155 -22.77 20.36 13.76
C ASN A 155 -22.11 21.70 13.50
N HIS A 156 -20.85 21.70 13.05
CA HIS A 156 -20.14 22.95 12.77
C HIS A 156 -20.91 23.79 11.76
N SER A 157 -20.93 25.12 11.97
CA SER A 157 -21.77 25.98 11.15
C SER A 157 -21.42 25.89 9.68
N GLU A 158 -20.18 25.54 9.34
CA GLU A 158 -19.76 25.46 7.94
C GLU A 158 -19.84 24.06 7.37
N VAL A 159 -20.50 23.14 8.07
CA VAL A 159 -20.65 21.75 7.62
C VAL A 159 -22.06 21.56 7.10
N GLU A 160 -22.21 20.90 5.96
CA GLU A 160 -23.52 20.65 5.37
C GLU A 160 -24.01 19.26 5.76
N ASP A 161 -25.28 19.19 6.17
CA ASP A 161 -25.88 17.91 6.51
C ASP A 161 -26.25 17.18 5.23
N TRP A 162 -25.64 16.02 4.98
CA TRP A 162 -25.93 15.26 3.76
C TRP A 162 -26.72 13.99 4.04
N THR A 163 -27.30 13.86 5.24
CA THR A 163 -27.97 12.62 5.62
C THR A 163 -29.13 12.30 4.68
N GLU A 164 -30.02 13.27 4.46
CA GLU A 164 -31.17 13.02 3.60
C GLU A 164 -30.75 12.79 2.15
N GLN A 165 -29.66 13.42 1.71
N GLN A 165 -29.68 13.44 1.69
CA GLN A 165 -29.21 13.21 0.34
CA GLN A 165 -29.21 13.19 0.33
C GLN A 165 -28.74 11.77 0.13
C GLN A 165 -28.79 11.74 0.16
N LEU A 166 -28.00 11.23 1.10
CA LEU A 166 -27.52 9.85 0.99
C LEU A 166 -28.65 8.86 1.23
N ARG A 167 -29.56 9.17 2.15
CA ARG A 167 -30.69 8.28 2.40
C ARG A 167 -31.58 8.14 1.19
N SER A 168 -31.69 9.19 0.37
CA SER A 168 -32.55 9.07 -0.80
C SER A 168 -31.96 8.20 -1.89
N VAL A 169 -30.69 7.77 -1.79
CA VAL A 169 -30.11 6.92 -2.83
C VAL A 169 -29.75 5.53 -2.35
N GLU A 170 -29.90 5.22 -1.06
CA GLU A 170 -29.74 3.83 -0.68
C GLU A 170 -31.03 3.08 -1.02
N GLN A 171 -30.94 1.75 -1.13
CA GLN A 171 -32.10 1.01 -1.61
C GLN A 171 -32.62 -0.02 -0.58
N LEU B 15 -26.65 -16.38 -3.46
CA LEU B 15 -26.95 -15.07 -2.87
C LEU B 15 -27.47 -14.09 -3.90
N GLU B 16 -27.58 -14.53 -5.16
CA GLU B 16 -28.05 -13.62 -6.21
C GLU B 16 -29.51 -13.24 -6.02
N ASN B 17 -30.27 -14.01 -5.25
CA ASN B 17 -31.66 -13.65 -5.02
C ASN B 17 -31.85 -12.61 -3.92
N LEU B 18 -30.79 -12.26 -3.19
CA LEU B 18 -30.94 -11.29 -2.13
C LEU B 18 -30.83 -9.88 -2.72
N THR B 19 -31.58 -8.95 -2.12
CA THR B 19 -31.41 -7.55 -2.45
C THR B 19 -30.08 -7.02 -1.90
N THR B 20 -29.66 -5.85 -2.41
CA THR B 20 -28.42 -5.28 -1.90
C THR B 20 -28.55 -4.98 -0.40
N ARG B 21 -29.71 -4.50 0.04
CA ARG B 21 -29.91 -4.24 1.46
C ARG B 21 -29.70 -5.51 2.28
N GLU B 22 -30.29 -6.63 1.83
CA GLU B 22 -30.09 -7.91 2.51
C GLU B 22 -28.64 -8.37 2.46
N LEU B 23 -27.97 -8.15 1.33
CA LEU B 23 -26.56 -8.54 1.22
C LEU B 23 -25.72 -7.82 2.26
N LEU B 24 -25.93 -6.51 2.39
CA LEU B 24 -25.19 -5.74 3.38
C LEU B 24 -25.53 -6.19 4.80
N ALA B 25 -26.81 -6.53 5.04
CA ALA B 25 -27.19 -7.00 6.36
C ALA B 25 -26.56 -8.35 6.67
N VAL B 26 -26.46 -9.22 5.67
CA VAL B 26 -25.82 -10.52 5.89
C VAL B 26 -24.35 -10.31 6.19
N SER B 27 -23.73 -9.33 5.56
CA SER B 27 -22.33 -9.03 5.85
C SER B 27 -22.13 -8.69 7.32
N ARG B 28 -23.01 -7.84 7.87
CA ARG B 28 -22.91 -7.45 9.29
C ARG B 28 -23.31 -8.60 10.20
N ALA B 29 -24.40 -9.29 9.90
CA ALA B 29 -24.89 -10.34 10.80
C ALA B 29 -23.89 -11.48 10.91
N SER B 30 -23.22 -11.84 9.80
CA SER B 30 -22.23 -12.91 9.86
C SER B 30 -21.05 -12.50 10.73
N LEU B 31 -20.62 -11.25 10.62
CA LEU B 31 -19.62 -10.71 11.53
C LEU B 31 -20.10 -10.81 12.99
N ARG B 32 -21.35 -10.39 13.25
CA ARG B 32 -21.88 -10.44 14.61
C ARG B 32 -21.92 -11.86 15.15
N GLU B 33 -22.32 -12.83 14.31
CA GLU B 33 -22.39 -14.21 14.78
C GLU B 33 -20.99 -14.78 15.00
N LEU B 34 -20.04 -14.45 14.13
CA LEU B 34 -18.68 -14.90 14.35
C LEU B 34 -18.12 -14.35 15.66
N LYS B 35 -18.42 -13.08 15.97
CA LYS B 35 -17.93 -12.54 17.23
C LYS B 35 -18.63 -13.20 18.41
N ARG B 36 -19.94 -13.48 18.28
CA ARG B 36 -20.68 -14.17 19.34
C ARG B 36 -20.08 -15.54 19.64
N ARG B 37 -19.57 -16.22 18.61
CA ARG B 37 -18.93 -17.52 18.79
C ARG B 37 -17.47 -17.42 19.23
N GLY B 38 -16.92 -16.22 19.31
CA GLY B 38 -15.53 -16.08 19.69
C GLY B 38 -14.54 -16.39 18.59
N VAL B 39 -15.01 -16.55 17.35
CA VAL B 39 -14.10 -16.78 16.24
C VAL B 39 -13.31 -15.50 15.93
N ILE B 40 -13.95 -14.34 16.04
CA ILE B 40 -13.29 -13.05 15.87
C ILE B 40 -13.59 -12.22 17.12
N ARG B 41 -12.87 -11.12 17.26
CA ARG B 41 -13.12 -10.28 18.43
C ARG B 41 -13.12 -8.79 18.10
N SER B 42 -13.25 -8.42 16.83
CA SER B 42 -13.22 -7.03 16.43
C SER B 42 -14.18 -6.82 15.28
N GLY B 43 -14.41 -5.54 14.96
CA GLY B 43 -15.22 -5.18 13.83
C GLY B 43 -14.49 -5.15 12.51
N ASN B 44 -13.21 -5.55 12.48
CA ASN B 44 -12.51 -5.66 11.22
C ASN B 44 -13.11 -6.81 10.39
N ALA B 45 -12.79 -6.83 9.09
CA ALA B 45 -13.12 -8.02 8.32
C ALA B 45 -12.48 -9.23 9.03
N PRO B 46 -13.11 -10.40 8.98
CA PRO B 46 -12.72 -11.48 9.89
C PRO B 46 -11.34 -12.08 9.68
N ALA B 47 -10.70 -11.85 8.54
CA ALA B 47 -9.47 -12.59 8.20
C ALA B 47 -8.38 -12.44 9.26
N GLY B 48 -8.16 -11.21 9.74
CA GLY B 48 -7.07 -10.99 10.70
C GLY B 48 -7.26 -11.75 12.01
N ASP B 49 -8.43 -11.57 12.63
CA ASP B 49 -8.70 -12.25 13.91
C ASP B 49 -8.79 -13.75 13.71
N TYR B 50 -9.37 -14.19 12.59
CA TYR B 50 -9.51 -15.64 12.40
C TYR B 50 -8.13 -16.29 12.23
N ALA B 51 -7.24 -15.65 11.48
CA ALA B 51 -5.89 -16.17 11.34
C ALA B 51 -5.18 -16.23 12.70
N GLU B 52 -5.35 -15.20 13.55
CA GLU B 52 -4.77 -15.25 14.88
C GLU B 52 -5.35 -16.40 15.69
N LEU B 53 -6.66 -16.63 15.58
CA LEU B 53 -7.27 -17.71 16.33
C LEU B 53 -6.65 -19.05 15.94
N LEU B 54 -6.45 -19.28 14.64
CA LEU B 54 -5.86 -20.55 14.20
C LEU B 54 -4.44 -20.71 14.70
N VAL B 55 -3.63 -19.65 14.63
CA VAL B 55 -2.26 -19.75 15.11
C VAL B 55 -2.25 -20.02 16.61
N GLN B 56 -3.18 -19.39 17.34
CA GLN B 56 -3.29 -19.64 18.77
C GLN B 56 -3.64 -21.10 19.06
N ARG B 57 -4.61 -21.65 18.31
CA ARG B 57 -4.94 -23.05 18.49
C ARG B 57 -3.75 -23.95 18.19
N ALA B 58 -3.00 -23.63 17.12
CA ALA B 58 -1.91 -24.51 16.68
C ALA B 58 -0.71 -24.47 17.61
N THR B 59 -0.53 -23.36 18.33
CA THR B 59 0.62 -23.17 19.20
C THR B 59 0.24 -23.26 20.68
N ASP B 60 -1.05 -23.39 20.98
CA ASP B 60 -1.56 -23.31 22.35
C ASP B 60 -1.07 -22.03 23.03
N GLY B 61 -0.99 -20.96 22.24
CA GLY B 61 -0.37 -19.74 22.68
C GLY B 61 -1.32 -18.78 23.37
N GLU B 62 -0.76 -17.65 23.80
CA GLU B 62 -1.48 -16.61 24.51
C GLU B 62 -1.73 -15.43 23.56
N LEU B 63 -2.99 -15.05 23.40
CA LEU B 63 -3.33 -13.93 22.53
C LEU B 63 -3.03 -12.61 23.23
N ALA B 64 -2.31 -11.71 22.55
CA ALA B 64 -1.99 -10.42 23.13
C ALA B 64 -3.17 -9.44 23.03
N ASN B 65 -3.11 -8.37 23.82
CA ASN B 65 -4.05 -7.25 23.71
C ASN B 65 -4.12 -6.76 22.27
N ALA B 66 -5.33 -6.42 21.82
CA ALA B 66 -5.54 -6.19 20.39
C ALA B 66 -4.69 -5.06 19.84
N SER B 67 -4.40 -4.05 20.64
CA SER B 67 -3.63 -2.90 20.21
C SER B 67 -2.17 -2.99 20.60
N GLN B 68 -1.70 -4.17 20.99
CA GLN B 68 -0.30 -4.30 21.36
C GLN B 68 0.60 -4.19 20.13
N LYS B 69 1.73 -3.52 20.29
CA LYS B 69 2.66 -3.39 19.17
C LYS B 69 3.41 -4.70 18.96
N SER B 70 3.95 -4.83 17.75
CA SER B 70 5.01 -5.78 17.41
C SER B 70 4.62 -7.24 17.20
N TRP B 71 3.78 -7.82 18.07
CA TRP B 71 3.44 -9.23 17.94
C TRP B 71 2.05 -9.50 18.49
N ASP B 72 1.53 -10.68 18.16
CA ASP B 72 0.13 -11.04 18.40
C ASP B 72 -0.04 -12.18 19.38
N ILE B 73 0.86 -13.17 19.34
CA ILE B 73 0.70 -14.40 20.10
C ILE B 73 2.02 -14.75 20.74
N ARG B 74 1.99 -15.15 22.01
CA ARG B 74 3.15 -15.72 22.67
C ARG B 74 2.91 -17.21 22.88
N THR B 75 3.81 -18.03 22.35
CA THR B 75 3.66 -19.48 22.43
C THR B 75 4.06 -19.99 23.81
N THR B 76 3.68 -21.25 24.08
CA THR B 76 4.03 -21.88 25.35
C THR B 76 5.54 -21.91 25.56
N GLU B 77 6.31 -22.03 24.49
CA GLU B 77 7.77 -22.01 24.57
C GLU B 77 8.33 -20.59 24.62
N GLY B 78 7.47 -19.57 24.55
CA GLY B 78 7.90 -18.19 24.66
C GLY B 78 8.08 -17.42 23.37
N ASP B 79 7.81 -18.04 22.22
CA ASP B 79 7.98 -17.34 20.94
C ASP B 79 6.93 -16.25 20.79
N ARG B 80 7.36 -15.10 20.26
CA ARG B 80 6.47 -13.97 19.99
C ARG B 80 6.16 -13.99 18.50
N LEU B 81 4.91 -14.26 18.15
CA LEU B 81 4.53 -14.47 16.76
C LEU B 81 3.75 -13.27 16.23
N GLN B 82 4.17 -12.76 15.08
CA GLN B 82 3.45 -11.72 14.35
C GLN B 82 2.69 -12.41 13.21
N VAL B 83 1.35 -12.47 13.33
CA VAL B 83 0.51 -13.19 12.37
C VAL B 83 0.11 -12.23 11.25
N LYS B 84 0.25 -12.67 9.99
CA LYS B 84 -0.13 -11.87 8.82
C LYS B 84 -0.93 -12.74 7.86
N ALA B 85 -2.16 -12.32 7.55
CA ALA B 85 -3.02 -13.12 6.69
C ALA B 85 -3.41 -12.36 5.42
N ARG B 86 -3.63 -13.11 4.34
CA ARG B 86 -4.23 -12.57 3.14
C ARG B 86 -5.19 -13.59 2.56
N VAL B 87 -6.25 -13.12 1.91
CA VAL B 87 -7.16 -14.00 1.21
C VAL B 87 -6.76 -14.01 -0.26
N ILE B 88 -6.46 -15.20 -0.78
CA ILE B 88 -5.98 -15.34 -2.15
C ILE B 88 -7.18 -15.75 -2.99
N THR B 89 -7.59 -14.89 -3.91
CA THR B 89 -8.57 -15.28 -4.90
C THR B 89 -7.94 -15.73 -6.21
N ASP B 90 -6.71 -15.30 -6.48
CA ASP B 90 -5.97 -15.62 -7.70
C ASP B 90 -4.54 -15.91 -7.26
N GLU B 91 -4.15 -17.19 -7.29
CA GLU B 91 -2.83 -17.54 -6.78
C GLU B 91 -1.70 -16.91 -7.60
N HIS B 92 -2.00 -16.38 -8.78
CA HIS B 92 -0.99 -15.77 -9.63
C HIS B 92 -0.96 -14.24 -9.51
N ALA B 93 -1.78 -13.65 -8.66
CA ALA B 93 -1.79 -12.19 -8.48
C ALA B 93 -0.77 -11.86 -7.40
N ASN B 94 0.34 -11.21 -7.77
CA ASN B 94 1.34 -10.87 -6.76
C ASN B 94 0.77 -9.94 -5.70
N GLY B 95 -0.11 -9.01 -6.11
CA GLY B 95 -0.63 -8.03 -5.17
C GLY B 95 -1.33 -8.67 -3.98
N GLU B 96 -1.90 -9.85 -4.19
CA GLU B 96 -2.59 -10.52 -3.08
C GLU B 96 -1.62 -11.15 -2.10
N ARG B 97 -0.32 -11.20 -2.42
CA ARG B 97 0.69 -11.66 -1.48
C ARG B 97 1.22 -10.55 -0.57
N GLN B 98 0.80 -9.31 -0.78
CA GLN B 98 1.33 -8.22 0.02
C GLN B 98 0.83 -8.31 1.45
N LEU B 99 1.74 -8.44 2.41
CA LEU B 99 1.35 -8.49 3.81
C LEU B 99 1.15 -7.09 4.37
N SER B 100 0.30 -7.02 5.40
CA SER B 100 0.08 -5.78 6.13
C SER B 100 1.40 -5.21 6.66
N THR B 101 1.48 -3.87 6.74
CA THR B 101 2.78 -3.22 6.98
C THR B 101 3.34 -3.60 8.36
N ILE B 102 4.65 -3.59 8.47
CA ILE B 102 5.38 -3.92 9.69
C ILE B 102 6.09 -2.65 10.14
N ARG B 103 5.79 -2.19 11.35
CA ARG B 103 6.44 -1.00 11.88
C ARG B 103 7.38 -1.30 13.02
N SER B 104 7.45 -2.55 13.45
CA SER B 104 8.34 -2.92 14.55
C SER B 104 8.85 -4.32 14.30
N TRP B 105 10.15 -4.52 14.54
CA TRP B 105 10.78 -5.83 14.34
C TRP B 105 10.96 -6.60 15.64
N ASP B 106 10.28 -6.17 16.71
CA ASP B 106 10.44 -6.80 18.02
C ASP B 106 9.53 -8.02 18.13
N PHE B 107 9.81 -9.02 17.29
CA PHE B 107 9.12 -10.30 17.37
C PHE B 107 10.08 -11.38 16.89
N ASP B 108 9.74 -12.63 17.19
CA ASP B 108 10.61 -13.78 16.88
C ASP B 108 10.35 -14.36 15.49
N ALA B 109 9.08 -14.47 15.08
CA ALA B 109 8.76 -15.02 13.77
C ALA B 109 7.41 -14.47 13.33
N ALA B 110 7.25 -14.36 12.03
CA ALA B 110 5.93 -14.09 11.47
C ALA B 110 5.32 -15.42 11.08
N VAL B 111 4.00 -15.51 11.22
CA VAL B 111 3.25 -16.64 10.67
C VAL B 111 2.35 -16.10 9.58
N ILE B 112 2.65 -16.46 8.33
CA ILE B 112 1.86 -16.06 7.17
C ILE B 112 0.75 -17.09 6.98
N VAL B 113 -0.49 -16.62 6.87
CA VAL B 113 -1.64 -17.49 6.66
C VAL B 113 -2.32 -17.01 5.39
N LEU B 114 -2.31 -17.85 4.35
CA LEU B 114 -2.93 -17.54 3.06
C LEU B 114 -4.22 -18.37 2.99
N PHE B 115 -5.36 -17.68 2.97
CA PHE B 115 -6.65 -18.34 2.82
C PHE B 115 -7.02 -18.40 1.35
N ASP B 116 -7.84 -19.38 0.98
CA ASP B 116 -8.52 -19.32 -0.30
C ASP B 116 -9.83 -18.54 -0.14
N ASP B 117 -10.55 -18.34 -1.24
CA ASP B 117 -11.71 -17.45 -1.19
C ASP B 117 -12.94 -18.11 -0.58
N ASN B 118 -12.84 -19.35 -0.09
CA ASN B 118 -13.85 -19.92 0.78
C ASN B 118 -13.45 -19.84 2.25
N PHE B 119 -12.39 -19.09 2.56
CA PHE B 119 -11.81 -18.95 3.90
C PHE B 119 -11.19 -20.24 4.43
N ARG B 120 -10.88 -21.19 3.57
CA ARG B 120 -10.09 -22.35 3.99
C ARG B 120 -8.60 -22.02 3.95
N VAL B 121 -7.84 -22.66 4.84
CA VAL B 121 -6.41 -22.46 4.83
C VAL B 121 -5.81 -23.06 3.56
N TRP B 122 -5.15 -22.21 2.75
CA TRP B 122 -4.47 -22.69 1.56
C TRP B 122 -2.99 -23.00 1.85
N ARG B 123 -2.24 -22.02 2.36
CA ARG B 123 -0.85 -22.20 2.76
C ARG B 123 -0.59 -21.43 4.04
N ALA B 124 0.29 -21.95 4.88
CA ALA B 124 0.77 -21.21 6.04
C ALA B 124 2.26 -21.47 6.21
N ALA B 125 2.97 -20.48 6.75
CA ALA B 125 4.42 -20.57 6.89
C ALA B 125 4.90 -19.80 8.12
N ARG B 126 5.87 -20.36 8.83
CA ARG B 126 6.55 -19.68 9.92
C ARG B 126 7.87 -19.12 9.41
N VAL B 127 8.02 -17.79 9.45
CA VAL B 127 9.17 -17.11 8.88
C VAL B 127 9.95 -16.43 10.00
N PRO B 128 11.23 -16.77 10.21
CA PRO B 128 12.00 -16.06 11.23
C PRO B 128 12.05 -14.56 10.94
N ALA B 129 12.10 -13.76 12.01
CA ALA B 129 12.07 -12.31 11.86
C ALA B 129 13.19 -11.83 10.94
N ALA B 130 14.38 -12.43 11.05
CA ALA B 130 15.52 -12.01 10.24
C ALA B 130 15.26 -12.22 8.75
N ILE B 131 14.57 -13.31 8.39
CA ILE B 131 14.21 -13.56 7.00
C ILE B 131 13.15 -12.58 6.54
N MET B 132 12.20 -12.24 7.43
CA MET B 132 11.22 -11.20 7.10
C MET B 132 11.92 -9.89 6.81
N LYS B 133 12.89 -9.51 7.65
CA LYS B 133 13.62 -8.26 7.41
C LYS B 133 14.32 -8.30 6.07
N GLU B 134 14.94 -9.44 5.74
CA GLU B 134 15.66 -9.54 4.49
C GLU B 134 14.75 -9.36 3.30
N ALA B 135 13.48 -9.77 3.42
CA ALA B 135 12.54 -9.66 2.32
C ALA B 135 11.80 -8.33 2.30
N ALA B 136 12.02 -7.46 3.27
CA ALA B 136 11.16 -6.30 3.43
C ALA B 136 11.66 -5.12 2.61
N TYR B 137 10.73 -4.26 2.19
CA TYR B 137 11.01 -3.00 1.54
C TYR B 137 10.36 -1.91 2.36
N TYR B 138 11.04 -0.79 2.50
CA TYR B 138 10.51 0.28 3.32
C TYR B 138 9.60 1.17 2.49
N SER B 139 8.52 1.64 3.10
CA SER B 139 7.60 2.57 2.47
C SER B 139 7.60 3.85 3.31
N GLN B 140 8.17 4.93 2.77
CA GLN B 140 8.19 6.18 3.53
C GLN B 140 6.78 6.75 3.68
N HIS B 141 5.88 6.44 2.75
CA HIS B 141 4.52 6.98 2.78
C HIS B 141 3.78 6.56 4.05
N VAL B 142 3.97 5.32 4.50
CA VAL B 142 3.26 4.80 5.66
C VAL B 142 4.18 4.59 6.85
N ARG B 143 5.48 4.87 6.70
CA ARG B 143 6.49 4.67 7.75
C ARG B 143 6.47 3.22 8.22
N GLY B 144 6.65 2.30 7.27
CA GLY B 144 6.57 0.90 7.61
C GLY B 144 7.18 0.05 6.51
N TYR B 145 7.33 -1.24 6.80
CA TYR B 145 7.96 -2.19 5.89
C TYR B 145 6.96 -3.14 5.27
N THR B 146 7.12 -3.41 3.98
CA THR B 146 6.23 -4.30 3.23
C THR B 146 6.97 -5.59 2.90
N VAL B 147 6.35 -6.73 3.19
CA VAL B 147 6.84 -8.05 2.81
C VAL B 147 5.80 -8.72 1.91
N TYR B 148 6.26 -9.34 0.83
CA TYR B 148 5.39 -10.09 -0.06
C TYR B 148 5.52 -11.57 0.22
N ALA B 149 4.40 -12.24 0.48
CA ALA B 149 4.40 -13.69 0.69
C ALA B 149 4.43 -14.42 -0.66
N LYS B 150 5.47 -14.13 -1.44
CA LYS B 150 5.67 -14.82 -2.71
C LYS B 150 6.12 -16.25 -2.45
N ASP B 151 5.99 -17.09 -3.47
CA ASP B 151 6.35 -18.50 -3.33
C ASP B 151 7.79 -18.66 -2.88
N ALA B 152 8.69 -17.79 -3.37
CA ALA B 152 10.10 -17.89 -2.98
C ALA B 152 10.30 -17.70 -1.48
N LEU B 153 9.52 -16.82 -0.84
CA LEU B 153 9.61 -16.67 0.60
C LEU B 153 9.00 -17.86 1.32
N LEU B 154 7.81 -18.30 0.87
CA LEU B 154 7.15 -19.43 1.51
C LEU B 154 8.01 -20.69 1.42
N ASN B 155 8.78 -20.84 0.34
CA ASN B 155 9.64 -22.02 0.12
C ASN B 155 11.06 -21.83 0.60
N HIS B 156 11.39 -20.67 1.20
CA HIS B 156 12.73 -20.36 1.68
C HIS B 156 13.26 -21.45 2.60
N SER B 157 14.56 -21.74 2.51
N SER B 157 14.57 -21.73 2.49
CA SER B 157 15.12 -22.86 3.26
CA SER B 157 15.18 -22.83 3.25
C SER B 157 14.98 -22.67 4.77
C SER B 157 15.06 -22.66 4.76
N GLU B 158 14.91 -21.43 5.25
CA GLU B 158 14.77 -21.21 6.69
C GLU B 158 13.32 -20.97 7.09
N VAL B 159 12.36 -21.27 6.22
CA VAL B 159 10.95 -21.09 6.50
C VAL B 159 10.32 -22.45 6.70
N GLU B 160 9.47 -22.55 7.72
CA GLU B 160 8.77 -23.80 8.03
C GLU B 160 7.39 -23.80 7.40
N ASP B 161 7.02 -24.92 6.79
CA ASP B 161 5.68 -25.08 6.23
C ASP B 161 4.71 -25.44 7.36
N TRP B 162 3.77 -24.55 7.65
CA TRP B 162 2.77 -24.75 8.71
C TRP B 162 1.38 -25.02 8.15
N THR B 163 1.26 -25.36 6.86
CA THR B 163 -0.05 -25.53 6.24
C THR B 163 -0.86 -26.62 6.94
N GLU B 164 -0.27 -27.81 7.13
CA GLU B 164 -1.00 -28.89 7.77
C GLU B 164 -1.28 -28.60 9.24
N GLN B 165 -0.35 -27.92 9.93
CA GLN B 165 -0.57 -27.57 11.33
C GLN B 165 -1.80 -26.69 11.50
N LEU B 166 -1.99 -25.72 10.61
CA LEU B 166 -3.18 -24.88 10.71
C LEU B 166 -4.42 -25.56 10.20
N ARG B 167 -4.31 -26.41 9.17
CA ARG B 167 -5.49 -27.14 8.75
C ARG B 167 -6.02 -28.05 9.84
N SER B 168 -5.14 -28.60 10.69
CA SER B 168 -5.64 -29.51 11.72
C SER B 168 -6.39 -28.80 12.83
N VAL B 169 -6.39 -27.47 12.86
CA VAL B 169 -7.12 -26.70 13.86
C VAL B 169 -8.29 -25.93 13.25
N GLU B 170 -8.54 -26.08 11.95
CA GLU B 170 -9.67 -25.45 11.26
C GLU B 170 -10.98 -26.05 11.75
N LEU C 15 4.46 13.82 -45.46
CA LEU C 15 4.93 14.27 -44.14
C LEU C 15 6.25 15.01 -44.25
N GLU C 16 6.79 15.10 -45.46
CA GLU C 16 8.06 15.78 -45.65
C GLU C 16 7.94 17.28 -45.40
N ASN C 17 6.72 17.82 -45.44
CA ASN C 17 6.50 19.24 -45.20
C ASN C 17 6.44 19.58 -43.70
N LEU C 18 6.41 18.58 -42.82
CA LEU C 18 6.31 18.83 -41.39
C LEU C 18 7.67 19.05 -40.75
N THR C 19 7.69 19.91 -39.74
CA THR C 19 8.86 20.07 -38.88
C THR C 19 9.04 18.83 -38.02
N THR C 20 10.25 18.70 -37.46
CA THR C 20 10.53 17.55 -36.61
C THR C 20 9.61 17.52 -35.39
N ARG C 21 9.37 18.68 -34.76
CA ARG C 21 8.45 18.74 -33.64
C ARG C 21 7.02 18.37 -34.03
N GLU C 22 6.56 18.85 -35.19
CA GLU C 22 5.22 18.46 -35.65
C GLU C 22 5.15 16.96 -35.93
N LEU C 23 6.24 16.39 -36.46
CA LEU C 23 6.30 14.95 -36.67
C LEU C 23 6.18 14.20 -35.36
N LEU C 24 6.90 14.66 -34.32
CA LEU C 24 6.81 14.01 -33.00
C LEU C 24 5.42 14.15 -32.42
N ALA C 25 4.80 15.31 -32.60
CA ALA C 25 3.45 15.50 -32.10
C ALA C 25 2.46 14.61 -32.84
N VAL C 26 2.66 14.42 -34.15
CA VAL C 26 1.76 13.54 -34.89
C VAL C 26 1.91 12.11 -34.40
N SER C 27 3.15 11.70 -34.12
CA SER C 27 3.40 10.39 -33.53
C SER C 27 2.66 10.25 -32.22
N ARG C 28 2.70 11.31 -31.39
CA ARG C 28 2.03 11.31 -30.10
C ARG C 28 0.51 11.39 -30.24
N ALA C 29 0.02 12.25 -31.13
CA ALA C 29 -1.42 12.42 -31.30
C ALA C 29 -2.09 11.16 -31.81
N SER C 30 -1.44 10.44 -32.74
CA SER C 30 -2.05 9.21 -33.24
C SER C 30 -2.13 8.16 -32.14
N LEU C 31 -1.09 8.05 -31.33
CA LEU C 31 -1.15 7.16 -30.17
C LEU C 31 -2.29 7.53 -29.23
N ARG C 32 -2.47 8.83 -28.96
CA ARG C 32 -3.52 9.26 -28.04
C ARG C 32 -4.91 8.91 -28.58
N GLU C 33 -5.14 9.13 -29.88
CA GLU C 33 -6.45 8.86 -30.45
C GLU C 33 -6.73 7.37 -30.56
N LEU C 34 -5.71 6.57 -30.85
CA LEU C 34 -5.89 5.12 -30.84
C LEU C 34 -6.25 4.62 -29.45
N LYS C 35 -5.64 5.21 -28.42
CA LYS C 35 -5.98 4.81 -27.05
C LYS C 35 -7.38 5.28 -26.67
N ARG C 36 -7.77 6.49 -27.10
CA ARG C 36 -9.10 7.01 -26.84
C ARG C 36 -10.19 6.10 -27.42
N ARG C 37 -9.92 5.48 -28.57
CA ARG C 37 -10.85 4.56 -29.22
C ARG C 37 -10.79 3.14 -28.68
N GLY C 38 -9.87 2.83 -27.78
CA GLY C 38 -9.75 1.46 -27.34
C GLY C 38 -9.04 0.52 -28.31
N VAL C 39 -8.43 1.06 -29.37
CA VAL C 39 -7.65 0.21 -30.27
C VAL C 39 -6.38 -0.26 -29.57
N ILE C 40 -5.78 0.59 -28.75
CA ILE C 40 -4.66 0.26 -27.89
C ILE C 40 -5.04 0.67 -26.47
N ARG C 41 -4.26 0.20 -25.50
CA ARG C 41 -4.63 0.48 -24.12
C ARG C 41 -3.43 0.91 -23.27
N SER C 42 -2.31 1.28 -23.90
CA SER C 42 -1.09 1.63 -23.20
C SER C 42 -0.34 2.67 -24.03
N GLY C 43 0.68 3.26 -23.42
CA GLY C 43 1.54 4.20 -24.10
C GLY C 43 2.64 3.59 -24.93
N ASN C 44 2.66 2.27 -25.05
CA ASN C 44 3.61 1.60 -25.93
C ASN C 44 3.33 1.94 -27.40
N ALA C 45 4.33 1.69 -28.25
CA ALA C 45 4.08 1.72 -29.69
C ALA C 45 2.90 0.80 -29.98
N PRO C 46 2.05 1.13 -30.95
CA PRO C 46 0.75 0.45 -31.07
C PRO C 46 0.83 -1.03 -31.42
N ALA C 47 1.97 -1.53 -31.90
CA ALA C 47 1.98 -2.88 -32.47
C ALA C 47 1.53 -3.93 -31.46
N GLY C 48 2.02 -3.87 -30.23
CA GLY C 48 1.72 -4.92 -29.27
C GLY C 48 0.23 -5.01 -28.96
N ASP C 49 -0.37 -3.87 -28.58
CA ASP C 49 -1.79 -3.86 -28.22
C ASP C 49 -2.68 -4.15 -29.43
N TYR C 50 -2.29 -3.64 -30.61
CA TYR C 50 -3.14 -3.79 -31.79
C TYR C 50 -3.21 -5.26 -32.22
N ALA C 51 -2.10 -5.97 -32.12
CA ALA C 51 -2.11 -7.39 -32.40
C ALA C 51 -3.08 -8.13 -31.47
N GLU C 52 -3.09 -7.75 -30.19
CA GLU C 52 -4.04 -8.35 -29.26
C GLU C 52 -5.49 -8.03 -29.65
N LEU C 53 -5.77 -6.80 -30.05
CA LEU C 53 -7.12 -6.46 -30.48
C LEU C 53 -7.56 -7.33 -31.67
N LEU C 54 -6.66 -7.52 -32.65
CA LEU C 54 -7.02 -8.35 -33.80
C LEU C 54 -7.25 -9.80 -33.39
N VAL C 55 -6.42 -10.33 -32.48
CA VAL C 55 -6.61 -11.71 -32.05
C VAL C 55 -7.91 -11.86 -31.29
N GLN C 56 -8.26 -10.85 -30.47
CA GLN C 56 -9.52 -10.86 -29.74
C GLN C 56 -10.71 -10.82 -30.68
N ARG C 57 -10.67 -9.93 -31.69
CA ARG C 57 -11.75 -9.86 -32.66
C ARG C 57 -11.93 -11.19 -33.38
N ALA C 58 -10.83 -11.84 -33.74
CA ALA C 58 -10.91 -13.05 -34.55
C ALA C 58 -11.41 -14.25 -33.75
N THR C 59 -11.20 -14.24 -32.43
CA THR C 59 -11.58 -15.36 -31.58
C THR C 59 -12.78 -15.09 -30.69
N ASP C 60 -13.31 -13.86 -30.70
CA ASP C 60 -14.35 -13.46 -29.76
C ASP C 60 -13.93 -13.77 -28.32
N GLY C 61 -12.63 -13.62 -28.06
CA GLY C 61 -12.05 -14.01 -26.79
C GLY C 61 -12.01 -12.89 -25.78
N GLU C 62 -11.55 -13.25 -24.58
CA GLU C 62 -11.46 -12.33 -23.45
C GLU C 62 -10.03 -11.87 -23.24
N LEU C 63 -9.84 -10.56 -23.22
CA LEU C 63 -8.52 -9.96 -23.00
C LEU C 63 -8.10 -10.12 -21.55
N ALA C 64 -6.86 -10.59 -21.35
CA ALA C 64 -6.29 -10.75 -20.01
C ALA C 64 -5.79 -9.43 -19.45
N ASN C 65 -5.54 -9.43 -18.14
CA ASN C 65 -4.88 -8.32 -17.45
C ASN C 65 -3.61 -7.88 -18.17
N ALA C 66 -3.39 -6.57 -18.23
CA ALA C 66 -2.27 -6.05 -19.01
C ALA C 66 -0.93 -6.51 -18.45
N SER C 67 -0.85 -6.67 -17.13
CA SER C 67 0.37 -7.12 -16.46
C SER C 67 0.35 -8.61 -16.15
N GLN C 68 -0.55 -9.38 -16.78
CA GLN C 68 -0.58 -10.82 -16.54
C GLN C 68 0.71 -11.44 -17.06
N LYS C 69 1.25 -12.37 -16.27
CA LYS C 69 2.57 -12.96 -16.46
C LYS C 69 2.68 -14.05 -17.53
N SER C 70 1.63 -14.44 -18.26
CA SER C 70 1.95 -15.47 -19.26
C SER C 70 1.20 -15.47 -20.59
N TRP C 71 -0.03 -14.95 -20.63
CA TRP C 71 -0.78 -15.02 -21.87
C TRP C 71 -1.64 -13.78 -21.97
N ASP C 72 -2.22 -13.58 -23.16
CA ASP C 72 -2.88 -12.33 -23.47
C ASP C 72 -4.38 -12.47 -23.71
N ILE C 73 -4.84 -13.55 -24.35
CA ILE C 73 -6.23 -13.66 -24.77
C ILE C 73 -6.73 -15.06 -24.49
N ARG C 74 -7.97 -15.16 -24.00
CA ARG C 74 -8.64 -16.43 -23.75
C ARG C 74 -9.88 -16.50 -24.63
N THR C 75 -9.95 -17.52 -25.48
CA THR C 75 -11.10 -17.71 -26.35
C THR C 75 -12.20 -18.48 -25.61
N THR C 76 -13.40 -18.47 -26.21
CA THR C 76 -14.54 -19.15 -25.62
C THR C 76 -14.28 -20.64 -25.37
N GLU C 77 -13.42 -21.26 -26.18
CA GLU C 77 -13.08 -22.66 -26.03
C GLU C 77 -12.05 -22.92 -24.93
N GLY C 78 -11.58 -21.87 -24.24
CA GLY C 78 -10.64 -22.03 -23.16
C GLY C 78 -9.19 -21.83 -23.54
N ASP C 79 -8.90 -21.64 -24.83
CA ASP C 79 -7.52 -21.43 -25.26
C ASP C 79 -6.95 -20.19 -24.59
N ARG C 80 -5.72 -20.29 -24.11
CA ARG C 80 -4.97 -19.14 -23.63
C ARG C 80 -3.82 -18.89 -24.61
N LEU C 81 -3.92 -17.80 -25.34
CA LEU C 81 -3.06 -17.48 -26.46
C LEU C 81 -2.10 -16.37 -26.07
N GLN C 82 -0.81 -16.58 -26.36
CA GLN C 82 0.24 -15.60 -26.15
C GLN C 82 0.58 -14.92 -27.47
N VAL C 83 0.25 -13.63 -27.59
CA VAL C 83 0.41 -12.89 -28.85
C VAL C 83 1.81 -12.28 -28.91
N LYS C 84 2.48 -12.45 -30.05
CA LYS C 84 3.80 -11.87 -30.26
C LYS C 84 3.80 -11.20 -31.62
N ALA C 85 4.09 -9.90 -31.65
CA ALA C 85 4.05 -9.16 -32.89
C ALA C 85 5.42 -8.61 -33.25
N ARG C 86 5.65 -8.48 -34.56
CA ARG C 86 6.75 -7.72 -35.09
C ARG C 86 6.22 -6.98 -36.31
N VAL C 87 6.75 -5.80 -36.56
CA VAL C 87 6.45 -5.06 -37.77
C VAL C 87 7.59 -5.35 -38.75
N ILE C 88 7.26 -5.96 -39.89
CA ILE C 88 8.28 -6.39 -40.84
C ILE C 88 8.38 -5.35 -41.94
N THR C 89 9.50 -4.67 -41.99
CA THR C 89 9.78 -3.78 -43.11
C THR C 89 10.59 -4.47 -44.18
N ASP C 90 11.24 -5.58 -43.85
CA ASP C 90 12.07 -6.34 -44.78
C ASP C 90 11.73 -7.81 -44.61
N GLU C 91 11.02 -8.37 -45.59
CA GLU C 91 10.53 -9.73 -45.50
C GLU C 91 11.64 -10.77 -45.40
N HIS C 92 12.86 -10.42 -45.80
CA HIS C 92 14.00 -11.35 -45.76
C HIS C 92 14.96 -11.09 -44.60
N ALA C 93 14.67 -10.14 -43.73
CA ALA C 93 15.57 -9.77 -42.65
C ALA C 93 15.41 -10.74 -41.48
N ASN C 94 16.47 -11.49 -41.20
CA ASN C 94 16.42 -12.45 -40.10
C ASN C 94 16.10 -11.77 -38.76
N GLY C 95 16.70 -10.60 -38.52
CA GLY C 95 16.54 -9.93 -37.23
C GLY C 95 15.13 -9.49 -36.90
N GLU C 96 14.32 -9.17 -37.92
CA GLU C 96 12.96 -8.70 -37.66
C GLU C 96 11.99 -9.81 -37.30
N ARG C 97 12.37 -11.09 -37.46
CA ARG C 97 11.52 -12.18 -37.02
C ARG C 97 11.71 -12.49 -35.54
N GLN C 98 12.65 -11.83 -34.88
CA GLN C 98 12.90 -12.09 -33.48
C GLN C 98 11.72 -11.59 -32.64
N LEU C 99 11.09 -12.50 -31.91
CA LEU C 99 9.95 -12.17 -31.07
C LEU C 99 10.39 -11.64 -29.71
N SER C 100 9.52 -10.86 -29.09
CA SER C 100 9.81 -10.38 -27.75
C SER C 100 10.09 -11.57 -26.84
N THR C 101 10.95 -11.34 -25.86
CA THR C 101 11.48 -12.42 -25.05
C THR C 101 10.35 -13.15 -24.30
N ILE C 102 10.59 -14.43 -24.03
CA ILE C 102 9.64 -15.30 -23.37
C ILE C 102 10.23 -15.71 -22.03
N ARG C 103 9.51 -15.45 -20.94
CA ARG C 103 9.96 -15.85 -19.63
C ARG C 103 9.09 -16.94 -18.99
N SER C 104 7.97 -17.30 -19.60
CA SER C 104 7.07 -18.29 -19.04
C SER C 104 6.44 -19.11 -20.16
N TRP C 105 6.33 -20.42 -19.93
CA TRP C 105 5.76 -21.34 -20.91
C TRP C 105 4.33 -21.74 -20.57
N ASP C 106 3.65 -20.99 -19.70
CA ASP C 106 2.30 -21.32 -19.25
C ASP C 106 1.25 -20.74 -20.20
N PHE C 107 1.26 -21.24 -21.44
CA PHE C 107 0.21 -20.88 -22.39
C PHE C 107 0.00 -22.06 -23.33
N ASP C 108 -1.13 -22.04 -24.04
CA ASP C 108 -1.43 -23.17 -24.92
C ASP C 108 -0.74 -23.01 -26.26
N ALA C 109 -0.73 -21.80 -26.80
CA ALA C 109 -0.11 -21.54 -28.09
C ALA C 109 0.25 -20.07 -28.17
N ALA C 110 1.27 -19.77 -28.96
CA ALA C 110 1.56 -18.38 -29.29
C ALA C 110 0.83 -18.02 -30.56
N VAL C 111 0.38 -16.78 -30.64
CA VAL C 111 -0.16 -16.26 -31.89
C VAL C 111 0.84 -15.22 -32.38
N ILE C 112 1.53 -15.57 -33.46
CA ILE C 112 2.52 -14.69 -34.06
C ILE C 112 1.78 -13.80 -35.04
N VAL C 113 1.97 -12.50 -34.93
CA VAL C 113 1.35 -11.53 -35.83
C VAL C 113 2.46 -10.72 -36.46
N LEU C 114 2.64 -10.87 -37.76
CA LEU C 114 3.59 -10.07 -38.54
C LEU C 114 2.83 -9.02 -39.34
N PHE C 115 3.06 -7.76 -39.03
CA PHE C 115 2.52 -6.63 -39.77
C PHE C 115 3.48 -6.21 -40.87
N ASP C 116 2.93 -5.60 -41.92
CA ASP C 116 3.78 -4.85 -42.83
C ASP C 116 3.93 -3.41 -42.34
N ASP C 117 4.74 -2.63 -43.04
CA ASP C 117 5.07 -1.30 -42.55
C ASP C 117 3.94 -0.30 -42.76
N ASN C 118 2.81 -0.74 -43.32
CA ASN C 118 1.58 0.03 -43.31
C ASN C 118 0.62 -0.43 -42.22
N PHE C 119 1.07 -1.33 -41.35
CA PHE C 119 0.25 -1.90 -40.27
C PHE C 119 -0.90 -2.76 -40.79
N ARG C 120 -0.82 -3.28 -42.01
CA ARG C 120 -1.76 -4.30 -42.47
C ARG C 120 -1.23 -5.67 -42.09
N VAL C 121 -2.14 -6.60 -41.82
CA VAL C 121 -1.74 -7.95 -41.46
C VAL C 121 -1.07 -8.62 -42.65
N TRP C 122 0.20 -9.00 -42.48
CA TRP C 122 0.96 -9.69 -43.54
C TRP C 122 0.85 -11.21 -43.40
N ARG C 123 1.36 -11.74 -42.30
CA ARG C 123 1.24 -13.16 -41.99
C ARG C 123 0.91 -13.30 -40.51
N ALA C 124 0.02 -14.23 -40.20
CA ALA C 124 -0.28 -14.58 -38.83
C ALA C 124 -0.37 -16.09 -38.71
N ALA C 125 0.04 -16.60 -37.56
CA ALA C 125 0.09 -18.04 -37.36
C ALA C 125 -0.16 -18.37 -35.90
N ARG C 126 -0.93 -19.43 -35.68
CA ARG C 126 -1.12 -20.01 -34.37
C ARG C 126 -0.11 -21.13 -34.20
N VAL C 127 0.81 -20.95 -33.26
CA VAL C 127 1.95 -21.84 -33.08
C VAL C 127 1.83 -22.48 -31.71
N PRO C 128 1.67 -23.80 -31.62
CA PRO C 128 1.56 -24.46 -30.31
C PRO C 128 2.78 -24.19 -29.44
N ALA C 129 2.53 -24.10 -28.13
CA ALA C 129 3.61 -23.79 -27.19
C ALA C 129 4.77 -24.78 -27.35
N ALA C 130 4.46 -26.06 -27.59
CA ALA C 130 5.53 -27.03 -27.75
C ALA C 130 6.38 -26.72 -28.98
N ILE C 131 5.73 -26.22 -30.04
CA ILE C 131 6.47 -25.84 -31.25
C ILE C 131 7.35 -24.63 -30.97
N MET C 132 6.84 -23.70 -30.16
CA MET C 132 7.63 -22.54 -29.72
C MET C 132 8.87 -22.96 -28.93
N LYS C 133 8.70 -23.92 -28.02
CA LYS C 133 9.80 -24.35 -27.17
C LYS C 133 10.93 -24.98 -27.98
N GLU C 134 10.59 -25.79 -28.97
CA GLU C 134 11.61 -26.47 -29.78
C GLU C 134 12.45 -25.46 -30.55
N ALA C 135 11.88 -24.30 -30.87
CA ALA C 135 12.52 -23.26 -31.66
C ALA C 135 13.24 -22.23 -30.81
N ALA C 136 13.19 -22.34 -29.48
CA ALA C 136 13.63 -21.29 -28.59
C ALA C 136 15.11 -21.43 -28.24
N TYR C 137 15.75 -20.29 -28.00
CA TYR C 137 17.15 -20.22 -27.62
C TYR C 137 17.27 -19.29 -26.44
N TYR C 138 17.86 -19.77 -25.35
CA TYR C 138 17.82 -19.05 -24.09
C TYR C 138 18.84 -17.92 -24.10
N SER C 139 18.45 -16.79 -23.51
CA SER C 139 19.34 -15.63 -23.36
C SER C 139 19.51 -15.36 -21.88
N GLN C 140 20.72 -15.60 -21.36
CA GLN C 140 20.99 -15.35 -19.95
C GLN C 140 20.99 -13.86 -19.63
N HIS C 141 21.34 -13.01 -20.61
CA HIS C 141 21.42 -11.57 -20.34
C HIS C 141 20.09 -11.02 -19.88
N VAL C 142 18.98 -11.50 -20.45
CA VAL C 142 17.66 -11.01 -20.12
C VAL C 142 16.83 -12.03 -19.36
N ARG C 143 17.35 -13.25 -19.16
CA ARG C 143 16.63 -14.33 -18.50
CA ARG C 143 16.63 -14.32 -18.50
C ARG C 143 15.28 -14.56 -19.17
N GLY C 144 15.36 -14.98 -20.43
CA GLY C 144 14.19 -15.27 -21.23
C GLY C 144 14.62 -16.00 -22.47
N TYR C 145 13.64 -16.47 -23.24
CA TYR C 145 13.90 -17.24 -24.44
C TYR C 145 13.58 -16.39 -25.66
N THR C 146 14.42 -16.46 -26.67
CA THR C 146 14.19 -15.71 -27.89
C THR C 146 13.76 -16.70 -28.95
N VAL C 147 12.62 -16.44 -29.58
CA VAL C 147 12.09 -17.26 -30.65
C VAL C 147 12.00 -16.39 -31.89
N TYR C 148 12.44 -16.94 -33.02
CA TYR C 148 12.35 -16.25 -34.29
C TYR C 148 11.17 -16.77 -35.08
N ALA C 149 10.34 -15.85 -35.58
CA ALA C 149 9.22 -16.18 -36.46
C ALA C 149 9.75 -16.48 -37.87
N LYS C 150 10.61 -17.50 -37.95
CA LYS C 150 11.17 -17.93 -39.23
C LYS C 150 10.12 -18.66 -40.07
N ASP C 151 10.37 -18.70 -41.38
CA ASP C 151 9.44 -19.35 -42.28
C ASP C 151 9.24 -20.82 -41.93
N ALA C 152 10.26 -21.46 -41.36
CA ALA C 152 10.12 -22.87 -40.97
C ALA C 152 9.02 -23.04 -39.93
N LEU C 153 8.84 -22.04 -39.05
CA LEU C 153 7.78 -22.10 -38.05
C LEU C 153 6.39 -21.82 -38.64
N LEU C 154 6.27 -20.78 -39.48
CA LEU C 154 4.95 -20.48 -40.05
C LEU C 154 4.44 -21.62 -40.93
N ASN C 155 5.33 -22.34 -41.61
CA ASN C 155 4.93 -23.44 -42.48
C ASN C 155 4.95 -24.79 -41.78
N HIS C 156 5.25 -24.82 -40.49
CA HIS C 156 5.31 -26.06 -39.73
C HIS C 156 3.99 -26.81 -39.83
N SER C 157 4.08 -28.14 -39.91
CA SER C 157 2.88 -28.96 -40.11
C SER C 157 1.85 -28.76 -39.01
N GLU C 158 2.29 -28.53 -37.77
CA GLU C 158 1.41 -28.38 -36.63
C GLU C 158 1.13 -26.92 -36.28
N VAL C 159 1.45 -25.98 -37.18
CA VAL C 159 1.16 -24.57 -36.98
C VAL C 159 0.01 -24.18 -37.88
N GLU C 160 -0.94 -23.41 -37.35
CA GLU C 160 -2.13 -22.99 -38.10
C GLU C 160 -1.93 -21.60 -38.69
N ASP C 161 -2.26 -21.46 -39.98
CA ASP C 161 -2.20 -20.17 -40.68
C ASP C 161 -3.45 -19.35 -40.37
N TRP C 162 -3.27 -18.19 -39.73
CA TRP C 162 -4.38 -17.34 -39.34
C TRP C 162 -4.43 -16.03 -40.12
N THR C 163 -3.75 -15.96 -41.26
CA THR C 163 -3.65 -14.70 -41.99
C THR C 163 -5.01 -14.20 -42.44
N GLU C 164 -5.80 -15.07 -43.09
CA GLU C 164 -7.12 -14.65 -43.56
C GLU C 164 -8.06 -14.36 -42.40
N GLN C 165 -7.90 -15.08 -41.29
CA GLN C 165 -8.76 -14.84 -40.13
C GLN C 165 -8.62 -13.41 -39.62
N LEU C 166 -7.40 -12.91 -39.56
CA LEU C 166 -7.17 -11.56 -39.07
C LEU C 166 -7.42 -10.52 -40.15
N ARG C 167 -7.09 -10.82 -41.41
CA ARG C 167 -7.35 -9.87 -42.48
C ARG C 167 -8.84 -9.58 -42.64
N SER C 168 -9.70 -10.55 -42.37
CA SER C 168 -11.14 -10.33 -42.43
C SER C 168 -11.63 -9.50 -41.26
N VAL C 169 -10.73 -9.19 -40.32
CA VAL C 169 -11.07 -8.45 -39.12
C VAL C 169 -10.44 -7.05 -39.08
N GLU C 170 -9.51 -6.73 -39.98
CA GLU C 170 -9.03 -5.36 -40.03
C GLU C 170 -10.04 -4.46 -40.75
N GLN C 171 -9.92 -3.16 -40.54
CA GLN C 171 -10.83 -2.18 -41.15
C GLN C 171 -10.07 -1.07 -41.87
N MET D 3 -1.71 13.65 -39.96
CA MET D 3 -1.21 14.55 -40.99
C MET D 3 -2.29 15.49 -41.55
N SER D 4 -1.93 16.77 -41.72
CA SER D 4 -2.80 17.77 -42.33
C SER D 4 -2.09 19.13 -42.43
N ARG D 5 -2.66 20.13 -41.76
CA ARG D 5 -2.04 21.45 -41.57
C ARG D 5 -1.93 21.69 -40.07
N PRO D 6 -0.81 21.30 -39.44
CA PRO D 6 -0.81 21.13 -37.99
C PRO D 6 -0.95 22.46 -37.27
N PRO D 7 -1.52 22.46 -36.07
CA PRO D 7 -1.65 23.70 -35.30
C PRO D 7 -0.31 24.16 -34.74
N SER D 8 -0.26 25.46 -34.43
CA SER D 8 0.98 26.05 -33.92
C SER D 8 1.41 25.41 -32.61
N TYR D 9 0.45 24.96 -31.80
CA TYR D 9 0.71 24.39 -30.50
C TYR D 9 0.47 22.89 -30.55
N ALA D 10 1.49 22.11 -30.17
CA ALA D 10 1.38 20.66 -30.25
C ALA D 10 0.23 20.12 -29.42
N GLY D 11 -0.10 20.81 -28.31
CA GLY D 11 -1.20 20.36 -27.48
C GLY D 11 -2.56 20.40 -28.17
N ASP D 12 -2.66 21.11 -29.30
CA ASP D 12 -3.92 21.23 -30.01
C ASP D 12 -4.10 20.18 -31.11
N MET D 13 -3.07 19.40 -31.42
CA MET D 13 -3.21 18.45 -32.53
C MET D 13 -4.31 17.45 -32.24
N ASN D 14 -5.23 17.29 -33.19
CA ASN D 14 -6.41 16.45 -33.02
C ASN D 14 -6.58 15.56 -34.24
N LEU D 15 -6.51 14.25 -34.04
CA LEU D 15 -6.59 13.28 -35.11
C LEU D 15 -7.87 12.45 -35.06
N GLU D 16 -8.91 12.96 -34.40
CA GLU D 16 -10.14 12.19 -34.22
C GLU D 16 -10.89 11.96 -35.53
N ASN D 17 -10.64 12.76 -36.57
CA ASN D 17 -11.34 12.55 -37.83
C ASN D 17 -10.73 11.41 -38.66
N LEU D 18 -9.59 10.85 -38.25
CA LEU D 18 -8.94 9.80 -39.01
C LEU D 18 -9.52 8.43 -38.67
N THR D 19 -9.56 7.55 -39.68
CA THR D 19 -9.89 6.16 -39.42
C THR D 19 -8.73 5.49 -38.69
N THR D 20 -9.03 4.33 -38.08
CA THR D 20 -7.98 3.60 -37.38
C THR D 20 -6.86 3.20 -38.35
N ARG D 21 -7.22 2.83 -39.59
CA ARG D 21 -6.20 2.52 -40.59
C ARG D 21 -5.29 3.71 -40.83
N GLU D 22 -5.88 4.90 -41.00
CA GLU D 22 -5.05 6.09 -41.22
C GLU D 22 -4.20 6.38 -39.99
N LEU D 23 -4.76 6.15 -38.80
CA LEU D 23 -4.03 6.39 -37.55
C LEU D 23 -2.80 5.50 -37.47
N LEU D 24 -2.98 4.21 -37.75
CA LEU D 24 -1.86 3.28 -37.75
C LEU D 24 -0.85 3.66 -38.83
N ALA D 25 -1.35 4.10 -39.99
CA ALA D 25 -0.46 4.47 -41.09
C ALA D 25 0.36 5.71 -40.76
N VAL D 26 -0.22 6.73 -40.11
CA VAL D 26 0.59 7.90 -39.75
C VAL D 26 1.59 7.56 -38.67
N SER D 27 1.23 6.65 -37.75
CA SER D 27 2.18 6.20 -36.75
C SER D 27 3.44 5.66 -37.42
N ARG D 28 3.28 4.81 -38.43
CA ARG D 28 4.44 4.31 -39.15
C ARG D 28 5.08 5.39 -40.01
N ALA D 29 4.26 6.14 -40.73
CA ALA D 29 4.80 7.13 -41.67
C ALA D 29 5.58 8.21 -40.95
N SER D 30 5.11 8.65 -39.79
CA SER D 30 5.86 9.66 -39.06
C SER D 30 7.19 9.11 -38.56
N LEU D 31 7.19 7.85 -38.12
CA LEU D 31 8.43 7.19 -37.72
C LEU D 31 9.41 7.11 -38.90
N ARG D 32 8.92 6.70 -40.08
CA ARG D 32 9.79 6.57 -41.24
C ARG D 32 10.41 7.90 -41.63
N GLU D 33 9.64 8.99 -41.55
CA GLU D 33 10.17 10.28 -41.93
C GLU D 33 11.18 10.80 -40.91
N LEU D 34 10.96 10.52 -39.63
CA LEU D 34 11.93 10.89 -38.61
C LEU D 34 13.24 10.14 -38.83
N LYS D 35 13.16 8.87 -39.23
CA LYS D 35 14.38 8.10 -39.51
C LYS D 35 15.09 8.62 -40.76
N ARG D 36 14.32 8.97 -41.80
CA ARG D 36 14.90 9.51 -43.04
C ARG D 36 15.73 10.75 -42.77
N ARG D 37 15.28 11.61 -41.86
CA ARG D 37 15.99 12.83 -41.50
C ARG D 37 17.10 12.59 -40.49
N GLY D 38 17.26 11.38 -39.98
CA GLY D 38 18.26 11.16 -38.96
C GLY D 38 17.90 11.62 -37.57
N VAL D 39 16.64 11.98 -37.31
CA VAL D 39 16.24 12.33 -35.94
C VAL D 39 16.23 11.09 -35.05
N ILE D 40 15.81 9.94 -35.60
CA ILE D 40 15.87 8.67 -34.90
C ILE D 40 16.65 7.72 -35.80
N ARG D 41 17.02 6.57 -35.26
CA ARG D 41 17.77 5.63 -36.09
C ARG D 41 17.31 4.19 -35.87
N SER D 42 16.12 3.99 -35.32
CA SER D 42 15.63 2.66 -35.01
C SER D 42 14.13 2.65 -35.21
N GLY D 43 13.57 1.44 -35.22
CA GLY D 43 12.14 1.26 -35.30
C GLY D 43 11.42 1.34 -33.99
N ASN D 44 12.11 1.64 -32.89
CA ASN D 44 11.49 1.84 -31.60
C ASN D 44 10.61 3.09 -31.61
N ALA D 45 9.77 3.22 -30.60
CA ALA D 45 9.07 4.48 -30.40
C ALA D 45 10.10 5.61 -30.35
N PRO D 46 9.79 6.79 -30.88
CA PRO D 46 10.84 7.81 -31.08
C PRO D 46 11.49 8.33 -29.80
N ALA D 47 10.86 8.17 -28.62
CA ALA D 47 11.37 8.85 -27.42
C ALA D 47 12.82 8.52 -27.14
N GLY D 48 13.22 7.25 -27.24
CA GLY D 48 14.57 6.86 -26.87
C GLY D 48 15.64 7.51 -27.73
N ASP D 49 15.50 7.40 -29.06
CA ASP D 49 16.48 7.98 -29.96
C ASP D 49 16.45 9.50 -29.90
N TYR D 50 15.26 10.08 -29.77
CA TYR D 50 15.16 11.53 -29.76
C TYR D 50 15.84 12.12 -28.52
N ALA D 51 15.66 11.50 -27.35
CA ALA D 51 16.37 11.97 -26.16
C ALA D 51 17.88 11.88 -26.35
N GLU D 52 18.36 10.78 -26.97
CA GLU D 52 19.78 10.68 -27.27
C GLU D 52 20.23 11.79 -28.19
N LEU D 53 19.42 12.12 -29.21
CA LEU D 53 19.79 13.20 -30.12
C LEU D 53 19.92 14.53 -29.37
N LEU D 54 18.96 14.84 -28.48
CA LEU D 54 19.03 16.10 -27.75
C LEU D 54 20.27 16.14 -26.88
N VAL D 55 20.59 15.03 -26.20
CA VAL D 55 21.78 15.02 -25.35
C VAL D 55 23.04 15.15 -26.19
N GLN D 56 23.07 14.48 -27.33
CA GLN D 56 24.24 14.57 -28.20
C GLN D 56 24.45 16.00 -28.69
N ARG D 57 23.38 16.66 -29.13
CA ARG D 57 23.47 18.06 -29.53
C ARG D 57 23.92 18.95 -28.39
N ALA D 58 23.42 18.69 -27.18
CA ALA D 58 23.74 19.58 -26.06
C ALA D 58 25.17 19.39 -25.59
N THR D 59 25.76 18.21 -25.80
CA THR D 59 27.10 17.92 -25.32
C THR D 59 28.12 17.89 -26.45
N ASP D 60 27.66 18.06 -27.70
CA ASP D 60 28.53 17.89 -28.87
C ASP D 60 29.25 16.55 -28.79
N GLY D 61 28.55 15.53 -28.30
CA GLY D 61 29.16 14.25 -28.02
C GLY D 61 29.11 13.30 -29.21
N GLU D 62 29.71 12.14 -29.02
CA GLU D 62 29.75 11.09 -30.02
C GLU D 62 28.73 10.02 -29.61
N LEU D 63 27.81 9.72 -30.52
CA LEU D 63 26.82 8.69 -30.28
C LEU D 63 27.45 7.31 -30.42
N ALA D 64 27.27 6.45 -29.42
CA ALA D 64 27.81 5.10 -29.50
C ALA D 64 26.93 4.21 -30.39
N ASN D 65 27.51 3.08 -30.82
CA ASN D 65 26.75 2.04 -31.53
C ASN D 65 25.49 1.67 -30.75
N ALA D 66 24.38 1.49 -31.47
CA ALA D 66 23.06 1.39 -30.80
C ALA D 66 22.96 0.19 -29.88
N SER D 67 23.68 -0.90 -30.17
CA SER D 67 23.63 -2.07 -29.32
C SER D 67 24.78 -2.11 -28.31
N GLN D 68 25.51 -1.01 -28.14
CA GLN D 68 26.60 -0.98 -27.18
C GLN D 68 26.05 -1.02 -25.76
N LYS D 69 26.72 -1.77 -24.89
CA LYS D 69 26.27 -1.85 -23.50
C LYS D 69 26.70 -0.61 -22.72
N SER D 70 26.05 -0.41 -21.56
CA SER D 70 26.52 0.49 -20.51
C SER D 70 26.23 1.98 -20.73
N TRP D 71 26.53 2.52 -21.91
CA TRP D 71 26.33 3.95 -22.12
C TRP D 71 26.01 4.25 -23.58
N ASP D 72 25.56 5.48 -23.84
CA ASP D 72 24.99 5.91 -25.11
C ASP D 72 25.80 6.97 -25.83
N ILE D 73 26.41 7.89 -25.09
CA ILE D 73 27.07 9.07 -25.62
C ILE D 73 28.38 9.27 -24.87
N ARG D 74 29.46 9.55 -25.61
CA ARG D 74 30.69 10.04 -25.00
C ARG D 74 30.84 11.51 -25.36
N THR D 75 30.97 12.36 -24.36
CA THR D 75 30.94 13.80 -24.60
C THR D 75 32.28 14.29 -25.14
N THR D 76 32.26 15.53 -25.61
CA THR D 76 33.48 16.15 -26.12
C THR D 76 34.57 16.16 -25.08
N GLU D 77 34.21 16.23 -23.79
CA GLU D 77 35.17 16.16 -22.68
C GLU D 77 35.50 14.73 -22.22
N GLY D 78 34.88 13.71 -22.81
CA GLY D 78 35.13 12.34 -22.41
C GLY D 78 34.12 11.72 -21.45
N ASP D 79 33.06 12.44 -21.07
CA ASP D 79 32.06 11.91 -20.15
CA ASP D 79 32.07 11.90 -20.15
C ASP D 79 31.22 10.83 -20.84
N ARG D 80 31.04 9.69 -20.16
CA ARG D 80 30.25 8.57 -20.69
C ARG D 80 28.84 8.64 -20.11
N LEU D 81 27.85 8.92 -20.96
CA LEU D 81 26.49 9.20 -20.53
C LEU D 81 25.52 8.08 -20.89
N GLN D 82 24.73 7.63 -19.91
CA GLN D 82 23.64 6.70 -20.14
C GLN D 82 22.34 7.51 -20.13
N VAL D 83 21.71 7.62 -21.31
CA VAL D 83 20.50 8.44 -21.46
C VAL D 83 19.26 7.59 -21.17
N LYS D 84 18.36 8.11 -20.34
CA LYS D 84 17.11 7.42 -19.99
C LYS D 84 15.94 8.39 -20.11
N ALA D 85 14.98 8.05 -20.97
CA ALA D 85 13.85 8.93 -21.22
C ALA D 85 12.52 8.28 -20.82
N ARG D 86 11.56 9.12 -20.41
CA ARG D 86 10.19 8.73 -20.25
C ARG D 86 9.31 9.89 -20.71
N VAL D 87 8.15 9.57 -21.23
CA VAL D 87 7.17 10.59 -21.58
C VAL D 87 6.16 10.68 -20.43
N ILE D 88 6.05 11.85 -19.83
CA ILE D 88 5.18 12.08 -18.66
C ILE D 88 3.87 12.67 -19.16
N THR D 89 2.77 11.95 -18.99
CA THR D 89 1.45 12.50 -19.25
C THR D 89 0.77 13.02 -18.00
N ASP D 90 1.23 12.59 -16.84
CA ASP D 90 0.69 12.98 -15.54
C ASP D 90 1.88 13.14 -14.61
N GLU D 91 2.19 14.38 -14.20
CA GLU D 91 3.38 14.56 -13.38
C GLU D 91 3.27 13.92 -12.00
N HIS D 92 2.08 13.53 -11.57
CA HIS D 92 1.95 12.92 -10.24
C HIS D 92 1.90 11.40 -10.29
N ALA D 93 1.96 10.80 -11.48
CA ALA D 93 1.93 9.34 -11.62
C ALA D 93 3.36 8.81 -11.51
N ASN D 94 3.68 8.14 -10.39
CA ASN D 94 5.04 7.65 -10.20
C ASN D 94 5.46 6.66 -11.28
N GLY D 95 4.55 5.79 -11.74
CA GLY D 95 4.93 4.75 -12.68
C GLY D 95 5.58 5.33 -13.92
N GLU D 96 5.24 6.57 -14.27
CA GLU D 96 5.84 7.20 -15.43
C GLU D 96 7.26 7.68 -15.16
N ARG D 97 7.69 7.67 -13.90
CA ARG D 97 9.07 7.97 -13.56
C ARG D 97 9.99 6.75 -13.61
N GLN D 98 9.44 5.55 -13.82
CA GLN D 98 10.26 4.34 -13.84
C GLN D 98 11.15 4.34 -15.10
N LEU D 99 12.47 4.33 -14.89
CA LEU D 99 13.40 4.33 -16.01
C LEU D 99 13.62 2.91 -16.52
N SER D 100 14.01 2.82 -17.78
CA SER D 100 14.33 1.53 -18.37
C SER D 100 15.43 0.84 -17.56
N THR D 101 15.37 -0.50 -17.52
CA THR D 101 16.22 -1.24 -16.61
C THR D 101 17.71 -1.00 -16.91
N ILE D 102 18.51 -1.10 -15.87
CA ILE D 102 19.95 -0.88 -15.92
C ILE D 102 20.64 -2.21 -15.62
N ARG D 103 21.43 -2.69 -16.56
CA ARG D 103 22.13 -3.95 -16.33
C ARG D 103 23.63 -3.76 -16.17
N SER D 104 24.13 -2.53 -16.31
CA SER D 104 25.55 -2.28 -16.18
C SER D 104 25.75 -0.91 -15.57
N TRP D 105 26.69 -0.80 -14.64
CA TRP D 105 26.99 0.47 -14.00
C TRP D 105 28.26 1.11 -14.54
N ASP D 106 28.75 0.65 -15.69
CA ASP D 106 29.98 1.15 -16.28
C ASP D 106 29.71 2.39 -17.13
N PHE D 107 29.25 3.44 -16.44
CA PHE D 107 29.07 4.74 -17.07
C PHE D 107 29.35 5.80 -16.02
N ASP D 108 29.55 7.04 -16.48
CA ASP D 108 29.89 8.11 -15.57
C ASP D 108 28.66 8.80 -15.00
N ALA D 109 27.65 9.03 -15.82
CA ALA D 109 26.45 9.70 -15.34
C ALA D 109 25.30 9.30 -16.24
N ALA D 110 24.11 9.27 -15.66
CA ALA D 110 22.90 9.13 -16.45
C ALA D 110 22.34 10.50 -16.75
N VAL D 111 21.73 10.64 -17.92
CA VAL D 111 20.95 11.82 -18.24
C VAL D 111 19.49 11.40 -18.32
N ILE D 112 18.70 11.84 -17.36
CA ILE D 112 17.27 11.58 -17.38
C ILE D 112 16.62 12.67 -18.22
N VAL D 113 15.79 12.25 -19.18
CA VAL D 113 15.05 13.17 -20.02
C VAL D 113 13.58 12.83 -19.84
N LEU D 114 12.83 13.71 -19.19
CA LEU D 114 11.40 13.51 -19.00
C LEU D 114 10.72 14.44 -20.00
N PHE D 115 10.03 13.86 -20.98
CA PHE D 115 9.26 14.65 -21.93
C PHE D 115 7.85 14.88 -21.37
N ASP D 116 7.21 15.97 -21.82
CA ASP D 116 5.77 16.07 -21.64
C ASP D 116 5.07 15.42 -22.83
N ASP D 117 3.74 15.39 -22.78
CA ASP D 117 3.00 14.64 -23.79
C ASP D 117 2.94 15.34 -25.13
N ASN D 118 3.55 16.53 -25.25
CA ASN D 118 3.77 17.18 -26.52
C ASN D 118 5.19 17.00 -27.01
N PHE D 119 6.00 16.18 -26.33
CA PHE D 119 7.40 15.95 -26.64
C PHE D 119 8.27 17.17 -26.42
N ARG D 120 7.84 18.11 -25.61
CA ARG D 120 8.77 19.12 -25.13
C ARG D 120 9.48 18.54 -23.92
N VAL D 121 10.74 18.91 -23.74
CA VAL D 121 11.44 18.46 -22.55
C VAL D 121 10.80 19.11 -21.33
N TRP D 122 10.32 18.29 -20.40
CA TRP D 122 9.74 18.83 -19.18
C TRP D 122 10.82 19.04 -18.12
N ARG D 123 11.57 17.98 -17.79
CA ARG D 123 12.72 18.05 -16.90
C ARG D 123 13.84 17.20 -17.50
N ALA D 124 15.08 17.66 -17.35
CA ALA D 124 16.22 16.81 -17.67
C ALA D 124 17.27 17.00 -16.60
N ALA D 125 18.02 15.92 -16.31
CA ALA D 125 18.96 15.96 -15.21
C ALA D 125 20.15 15.05 -15.49
N ARG D 126 21.34 15.52 -15.10
CA ARG D 126 22.56 14.72 -15.13
C ARG D 126 22.80 14.14 -13.74
N VAL D 127 22.75 12.81 -13.61
CA VAL D 127 22.81 12.14 -12.33
C VAL D 127 24.06 11.28 -12.28
N PRO D 128 24.98 11.54 -11.34
CA PRO D 128 26.18 10.69 -11.23
C PRO D 128 25.80 9.24 -11.03
N ALA D 129 26.62 8.35 -11.60
CA ALA D 129 26.38 6.91 -11.48
C ALA D 129 26.26 6.50 -10.02
N ALA D 130 27.08 7.09 -9.14
CA ALA D 130 27.05 6.71 -7.73
C ALA D 130 25.70 7.08 -7.09
N ILE D 131 25.11 8.20 -7.51
CA ILE D 131 23.79 8.59 -7.03
C ILE D 131 22.71 7.68 -7.62
N MET D 132 22.84 7.33 -8.90
CA MET D 132 21.94 6.34 -9.50
C MET D 132 21.99 5.02 -8.73
N LYS D 133 23.19 4.59 -8.33
CA LYS D 133 23.34 3.32 -7.63
C LYS D 133 22.52 3.29 -6.34
N GLU D 134 22.56 4.37 -5.57
CA GLU D 134 21.85 4.40 -4.29
C GLU D 134 20.34 4.32 -4.46
N ALA D 135 19.81 4.79 -5.59
CA ALA D 135 18.37 4.85 -5.78
C ALA D 135 17.79 3.60 -6.43
N ALA D 136 18.63 2.63 -6.81
CA ALA D 136 18.16 1.52 -7.63
C ALA D 136 17.66 0.37 -6.78
N TYR D 137 16.64 -0.33 -7.31
CA TYR D 137 16.17 -1.60 -6.77
C TYR D 137 16.35 -2.69 -7.83
N TYR D 138 16.55 -3.94 -7.39
CA TYR D 138 16.79 -5.05 -8.31
C TYR D 138 15.52 -5.82 -8.62
N SER D 139 15.38 -6.24 -9.87
CA SER D 139 14.26 -7.06 -10.34
C SER D 139 14.82 -8.38 -10.87
N GLN D 140 14.61 -9.48 -10.13
CA GLN D 140 15.08 -10.77 -10.60
C GLN D 140 14.33 -11.24 -11.84
N HIS D 141 13.09 -10.77 -12.03
CA HIS D 141 12.32 -11.19 -13.19
C HIS D 141 13.05 -10.85 -14.50
N VAL D 142 13.67 -9.67 -14.55
CA VAL D 142 14.33 -9.19 -15.75
C VAL D 142 15.84 -9.18 -15.62
N ARG D 143 16.38 -9.47 -14.44
CA ARG D 143 17.81 -9.40 -14.15
C ARG D 143 18.35 -8.00 -14.46
N GLY D 144 17.87 -7.02 -13.69
CA GLY D 144 18.26 -5.64 -13.89
C GLY D 144 17.82 -4.78 -12.73
N TYR D 145 18.29 -3.52 -12.76
CA TYR D 145 18.04 -2.54 -11.71
C TYR D 145 17.06 -1.46 -12.17
N THR D 146 16.15 -1.08 -11.27
CA THR D 146 15.16 -0.05 -11.55
C THR D 146 15.49 1.22 -10.77
N VAL D 147 15.54 2.36 -11.47
CA VAL D 147 15.68 3.67 -10.85
C VAL D 147 14.46 4.49 -11.21
N TYR D 148 13.86 5.15 -10.22
CA TYR D 148 12.71 6.01 -10.44
C TYR D 148 13.16 7.46 -10.48
N ALA D 149 12.79 8.16 -11.55
CA ALA D 149 13.11 9.59 -11.67
C ALA D 149 12.14 10.44 -10.85
N LYS D 150 12.11 10.19 -9.54
CA LYS D 150 11.26 10.96 -8.63
C LYS D 150 11.82 12.37 -8.44
N ASP D 151 10.97 13.28 -7.94
CA ASP D 151 11.39 14.66 -7.77
C ASP D 151 12.63 14.79 -6.88
N ALA D 152 12.72 13.98 -5.83
CA ALA D 152 13.88 14.05 -4.93
C ALA D 152 15.17 13.74 -5.68
N LEU D 153 15.13 12.85 -6.67
CA LEU D 153 16.35 12.57 -7.41
C LEU D 153 16.68 13.73 -8.34
N LEU D 154 15.67 14.27 -9.01
CA LEU D 154 15.90 15.39 -9.92
C LEU D 154 16.42 16.62 -9.17
N ASN D 155 15.99 16.81 -7.93
CA ASN D 155 16.36 17.98 -7.14
C ASN D 155 17.55 17.74 -6.23
N HIS D 156 18.17 16.57 -6.31
CA HIS D 156 19.29 16.24 -5.45
C HIS D 156 20.40 17.27 -5.56
N SER D 157 21.07 17.52 -4.43
CA SER D 157 22.14 18.53 -4.37
C SER D 157 23.27 18.24 -5.36
N GLU D 158 23.50 16.96 -5.68
CA GLU D 158 24.60 16.60 -6.58
C GLU D 158 24.13 16.25 -7.99
N VAL D 159 22.90 16.64 -8.35
CA VAL D 159 22.37 16.41 -9.68
C VAL D 159 22.34 17.74 -10.43
N GLU D 160 22.73 17.73 -11.70
CA GLU D 160 22.70 18.94 -12.52
C GLU D 160 21.38 19.00 -13.28
N ASP D 161 20.74 20.17 -13.27
CA ASP D 161 19.53 20.39 -14.03
C ASP D 161 19.91 20.72 -15.47
N TRP D 162 19.52 19.86 -16.41
CA TRP D 162 19.84 20.06 -17.82
C TRP D 162 18.61 20.47 -18.64
N THR D 163 17.54 20.87 -17.96
CA THR D 163 16.28 21.16 -18.62
C THR D 163 16.45 22.26 -19.66
N GLU D 164 17.05 23.39 -19.26
CA GLU D 164 17.21 24.50 -20.19
C GLU D 164 18.06 24.10 -21.39
N GLN D 165 19.17 23.39 -21.12
CA GLN D 165 20.09 23.05 -22.21
C GLN D 165 19.43 22.15 -23.25
N LEU D 166 18.62 21.18 -22.81
CA LEU D 166 18.00 20.26 -23.76
C LEU D 166 16.87 20.96 -24.50
N ARG D 167 16.11 21.82 -23.81
CA ARG D 167 15.08 22.60 -24.50
C ARG D 167 15.68 23.51 -25.56
N SER D 168 16.87 24.06 -25.29
CA SER D 168 17.50 25.03 -26.17
C SER D 168 18.08 24.40 -27.43
N VAL D 169 18.14 23.08 -27.52
CA VAL D 169 18.63 22.41 -28.71
C VAL D 169 17.53 21.66 -29.44
N GLU D 170 16.32 21.65 -28.90
CA GLU D 170 15.17 21.02 -29.54
C GLU D 170 14.62 21.88 -30.67
N LEU E 15 -10.29 -18.45 47.12
CA LEU E 15 -11.38 -17.54 47.45
C LEU E 15 -12.62 -17.86 46.62
N GLU E 16 -12.50 -18.85 45.73
CA GLU E 16 -13.59 -19.24 44.86
C GLU E 16 -14.70 -19.98 45.59
N ASN E 17 -14.42 -20.60 46.75
CA ASN E 17 -15.46 -21.28 47.50
C ASN E 17 -16.27 -20.31 48.33
N LEU E 18 -15.87 -19.04 48.35
CA LEU E 18 -16.49 -17.99 49.14
C LEU E 18 -17.68 -17.39 48.41
N THR E 19 -18.71 -17.00 49.17
CA THR E 19 -19.83 -16.29 48.58
C THR E 19 -19.42 -14.87 48.18
N THR E 20 -20.19 -14.28 47.27
CA THR E 20 -19.91 -12.91 46.85
C THR E 20 -20.04 -11.92 48.01
N ARG E 21 -21.05 -12.11 48.86
CA ARG E 21 -21.22 -11.22 50.00
C ARG E 21 -19.98 -11.24 50.89
N GLU E 22 -19.44 -12.43 51.16
CA GLU E 22 -18.22 -12.54 51.94
C GLU E 22 -17.03 -11.94 51.20
N LEU E 23 -16.99 -12.06 49.86
CA LEU E 23 -15.92 -11.42 49.09
C LEU E 23 -15.94 -9.92 49.26
N LEU E 24 -17.12 -9.31 49.14
CA LEU E 24 -17.21 -7.87 49.32
C LEU E 24 -16.78 -7.50 50.73
N ALA E 25 -17.12 -8.34 51.71
CA ALA E 25 -16.70 -8.09 53.09
C ALA E 25 -15.19 -8.24 53.25
N VAL E 26 -14.58 -9.23 52.60
CA VAL E 26 -13.13 -9.39 52.72
C VAL E 26 -12.41 -8.23 52.04
N SER E 27 -12.97 -7.70 50.96
CA SER E 27 -12.41 -6.50 50.32
C SER E 27 -12.35 -5.35 51.32
N ARG E 28 -13.44 -5.13 52.07
CA ARG E 28 -13.45 -4.08 53.07
C ARG E 28 -12.55 -4.43 54.25
N ALA E 29 -12.63 -5.68 54.72
CA ALA E 29 -11.87 -6.08 55.89
C ALA E 29 -10.37 -5.97 55.66
N SER E 30 -9.90 -6.32 54.47
CA SER E 30 -8.47 -6.19 54.19
C SER E 30 -8.05 -4.73 54.21
N LEU E 31 -8.88 -3.85 53.64
CA LEU E 31 -8.62 -2.43 53.72
C LEU E 31 -8.57 -1.95 55.17
N ARG E 32 -9.54 -2.39 55.98
CA ARG E 32 -9.59 -1.98 57.37
C ARG E 32 -8.36 -2.44 58.15
N GLU E 33 -7.90 -3.66 57.89
CA GLU E 33 -6.74 -4.17 58.61
C GLU E 33 -5.48 -3.44 58.18
N LEU E 34 -5.38 -3.10 56.89
CA LEU E 34 -4.23 -2.33 56.42
C LEU E 34 -4.17 -0.97 57.08
N LYS E 35 -5.33 -0.32 57.28
CA LYS E 35 -5.33 0.98 57.92
C LYS E 35 -4.99 0.87 59.40
N ARG E 36 -5.49 -0.19 60.07
CA ARG E 36 -5.16 -0.37 61.48
C ARG E 36 -3.66 -0.55 61.68
N ARG E 37 -2.98 -1.22 60.75
CA ARG E 37 -1.54 -1.44 60.85
C ARG E 37 -0.72 -0.24 60.39
N GLY E 38 -1.36 0.81 59.88
CA GLY E 38 -0.64 1.97 59.39
C GLY E 38 0.00 1.81 58.02
N VAL E 39 -0.32 0.74 57.30
CA VAL E 39 0.19 0.59 55.95
C VAL E 39 -0.48 1.60 55.03
N ILE E 40 -1.76 1.87 55.24
CA ILE E 40 -2.49 2.89 54.53
C ILE E 40 -3.14 3.82 55.55
N ARG E 41 -3.63 4.96 55.06
CA ARG E 41 -4.26 5.91 55.97
C ARG E 41 -5.53 6.52 55.39
N SER E 42 -6.12 5.92 54.36
CA SER E 42 -7.30 6.50 53.75
C SER E 42 -8.18 5.36 53.28
N GLY E 43 -9.39 5.70 52.85
CA GLY E 43 -10.28 4.73 52.24
C GLY E 43 -10.08 4.50 50.76
N ASN E 44 -9.08 5.11 50.13
CA ASN E 44 -8.76 4.82 48.75
C ASN E 44 -8.26 3.38 48.62
N ALA E 45 -8.26 2.86 47.39
CA ALA E 45 -7.57 1.59 47.15
C ALA E 45 -6.12 1.71 47.60
N PRO E 46 -5.52 0.64 48.15
CA PRO E 46 -4.26 0.80 48.90
C PRO E 46 -3.05 1.25 48.09
N ALA E 47 -3.05 1.13 46.75
CA ALA E 47 -1.82 1.37 46.01
C ALA E 47 -1.25 2.76 46.30
N GLY E 48 -2.11 3.77 46.33
CA GLY E 48 -1.63 5.13 46.52
C GLY E 48 -0.88 5.34 47.83
N ASP E 49 -1.53 5.02 48.97
CA ASP E 49 -0.90 5.21 50.27
C ASP E 49 0.27 4.25 50.45
N TYR E 50 0.14 3.03 49.92
CA TYR E 50 1.21 2.06 50.10
C TYR E 50 2.47 2.48 49.37
N ALA E 51 2.32 3.02 48.15
CA ALA E 51 3.48 3.55 47.44
C ALA E 51 4.13 4.67 48.23
N GLU E 52 3.32 5.55 48.82
CA GLU E 52 3.88 6.61 49.66
C GLU E 52 4.64 6.04 50.84
N LEU E 53 4.10 5.00 51.47
CA LEU E 53 4.79 4.39 52.60
C LEU E 53 6.17 3.86 52.22
N LEU E 54 6.26 3.17 51.07
CA LEU E 54 7.55 2.63 50.65
C LEU E 54 8.54 3.74 50.36
N VAL E 55 8.10 4.80 49.68
CA VAL E 55 9.02 5.90 49.37
C VAL E 55 9.45 6.60 50.66
N GLN E 56 8.52 6.79 51.60
CA GLN E 56 8.88 7.41 52.87
C GLN E 56 9.89 6.55 53.62
N ARG E 57 9.68 5.23 53.67
CA ARG E 57 10.65 4.34 54.29
C ARG E 57 12.00 4.45 53.61
N ALA E 58 12.02 4.54 52.28
CA ALA E 58 13.27 4.50 51.54
C ALA E 58 14.06 5.79 51.68
N THR E 59 13.38 6.91 51.95
CA THR E 59 14.02 8.21 52.03
C THR E 59 14.08 8.77 53.45
N ASP E 60 13.46 8.09 54.42
CA ASP E 60 13.32 8.62 55.78
C ASP E 60 12.71 10.03 55.73
N GLY E 61 11.80 10.26 54.78
CA GLY E 61 11.24 11.57 54.54
C GLY E 61 10.00 11.84 55.38
N GLU E 62 9.46 13.05 55.22
CA GLU E 62 8.29 13.48 55.97
C GLU E 62 7.06 13.40 55.08
N LEU E 63 6.07 12.64 55.53
CA LEU E 63 4.82 12.51 54.77
C LEU E 63 4.03 13.81 54.90
N ALA E 64 3.61 14.38 53.79
CA ALA E 64 2.82 15.60 53.89
C ALA E 64 1.38 15.25 54.25
N ASN E 65 0.65 16.28 54.71
CA ASN E 65 -0.79 16.18 54.88
C ASN E 65 -1.43 15.59 53.61
N ALA E 66 -2.42 14.71 53.81
CA ALA E 66 -2.94 13.94 52.68
C ALA E 66 -3.54 14.82 51.59
N SER E 67 -4.04 16.01 51.94
CA SER E 67 -4.66 16.89 50.98
C SER E 67 -3.74 17.99 50.49
N GLN E 68 -2.44 17.89 50.78
CA GLN E 68 -1.50 18.90 50.32
C GLN E 68 -1.34 18.86 48.81
N LYS E 69 -1.25 20.05 48.22
CA LYS E 69 -1.00 20.13 46.78
C LYS E 69 0.44 19.76 46.44
N SER E 70 0.65 19.45 45.15
CA SER E 70 1.97 19.42 44.52
C SER E 70 2.86 18.22 44.85
N TRP E 71 3.02 17.87 46.13
CA TRP E 71 3.95 16.78 46.46
C TRP E 71 3.50 16.06 47.72
N ASP E 72 4.12 14.90 47.95
CA ASP E 72 3.70 13.94 48.96
C ASP E 72 4.70 13.78 50.09
N ILE E 73 5.99 13.84 49.77
CA ILE E 73 7.06 13.55 50.72
C ILE E 73 8.16 14.57 50.54
N ARG E 74 8.67 15.08 51.65
N ARG E 74 8.68 15.08 51.65
CA ARG E 74 9.88 15.89 51.67
CA ARG E 74 9.89 15.91 51.67
C ARG E 74 10.99 15.07 52.34
C ARG E 74 11.01 15.13 52.35
N THR E 75 12.09 14.88 51.62
CA THR E 75 13.23 14.18 52.21
C THR E 75 13.99 15.09 53.18
N THR E 76 14.81 14.47 54.03
CA THR E 76 15.58 15.23 55.02
C THR E 76 16.49 16.26 54.34
N GLU E 77 16.95 15.99 53.13
CA GLU E 77 17.74 16.97 52.40
C GLU E 77 16.87 17.99 51.66
N GLY E 78 15.56 17.88 51.73
CA GLY E 78 14.66 18.86 51.16
C GLY E 78 14.09 18.55 49.78
N ASP E 79 14.31 17.36 49.24
CA ASP E 79 13.67 17.01 47.98
C ASP E 79 12.17 16.83 48.18
N ARG E 80 11.39 17.47 47.34
CA ARG E 80 9.93 17.37 47.38
C ARG E 80 9.50 16.34 46.33
N LEU E 81 8.96 15.22 46.80
CA LEU E 81 8.66 14.07 45.96
C LEU E 81 7.17 13.91 45.76
N GLN E 82 6.76 13.79 44.49
CA GLN E 82 5.39 13.50 44.09
C GLN E 82 5.35 12.02 43.68
N VAL E 83 4.71 11.20 44.50
CA VAL E 83 4.69 9.74 44.27
C VAL E 83 3.52 9.41 43.36
N LYS E 84 3.76 8.60 42.32
CA LYS E 84 2.71 8.18 41.41
C LYS E 84 2.85 6.68 41.22
N ALA E 85 1.79 5.93 41.54
CA ALA E 85 1.84 4.48 41.43
C ALA E 85 0.80 3.95 40.45
N ARG E 86 1.13 2.82 39.83
CA ARG E 86 0.18 2.03 39.07
C ARG E 86 0.43 0.55 39.35
N VAL E 87 -0.63 -0.24 39.31
CA VAL E 87 -0.53 -1.69 39.41
C VAL E 87 -0.53 -2.24 38.00
N ILE E 88 0.53 -2.96 37.63
CA ILE E 88 0.75 -3.47 36.28
C ILE E 88 0.37 -4.93 36.25
N THR E 89 -0.68 -5.26 35.49
CA THR E 89 -1.00 -6.66 35.21
C THR E 89 -0.46 -7.11 33.87
N ASP E 90 -0.17 -6.19 32.95
CA ASP E 90 0.34 -6.52 31.62
C ASP E 90 1.48 -5.56 31.32
N GLU E 91 2.71 -6.08 31.35
CA GLU E 91 3.87 -5.20 31.17
C GLU E 91 3.94 -4.55 29.80
N HIS E 92 3.20 -5.06 28.81
CA HIS E 92 3.19 -4.51 27.46
C HIS E 92 2.00 -3.61 27.17
N ALA E 93 1.13 -3.37 28.15
CA ALA E 93 -0.08 -2.57 27.98
C ALA E 93 0.27 -1.10 28.16
N ASN E 94 0.15 -0.32 27.08
CA ASN E 94 0.47 1.10 27.18
C ASN E 94 -0.38 1.80 28.24
N GLY E 95 -1.68 1.46 28.32
CA GLY E 95 -2.58 2.18 29.24
C GLY E 95 -2.26 2.05 30.71
N GLU E 96 -1.65 0.93 31.11
CA GLU E 96 -1.39 0.75 32.53
C GLU E 96 -0.24 1.60 33.05
N ARG E 97 0.52 2.23 32.16
CA ARG E 97 1.57 3.16 32.55
C ARG E 97 1.07 4.59 32.76
N GLN E 98 -0.21 4.86 32.51
CA GLN E 98 -0.72 6.22 32.67
C GLN E 98 -0.74 6.62 34.14
N LEU E 99 -0.02 7.69 34.48
CA LEU E 99 0.03 8.16 35.86
C LEU E 99 -1.16 9.06 36.16
N SER E 100 -1.52 9.15 37.45
CA SER E 100 -2.58 10.05 37.88
C SER E 100 -2.25 11.48 37.46
N THR E 101 -3.32 12.27 37.21
CA THR E 101 -3.13 13.57 36.58
C THR E 101 -2.29 14.50 37.46
N ILE E 102 -1.58 15.41 36.82
CA ILE E 102 -0.71 16.36 37.49
C ILE E 102 -1.26 17.75 37.23
N ARG E 103 -1.60 18.47 38.29
CA ARG E 103 -2.11 19.82 38.16
C ARG E 103 -1.14 20.87 38.65
N SER E 104 0.00 20.46 39.21
CA SER E 104 0.99 21.40 39.74
C SER E 104 2.38 20.85 39.48
N TRP E 105 3.27 21.72 39.01
CA TRP E 105 4.66 21.31 38.76
C TRP E 105 5.59 21.76 39.87
N ASP E 106 5.03 22.16 41.02
CA ASP E 106 5.83 22.66 42.13
C ASP E 106 6.32 21.48 42.99
N PHE E 107 7.17 20.68 42.38
CA PHE E 107 7.84 19.58 43.08
C PHE E 107 9.19 19.38 42.43
N ASP E 108 10.06 18.64 43.12
CA ASP E 108 11.39 18.42 42.59
C ASP E 108 11.47 17.18 41.70
N ALA E 109 10.80 16.10 42.09
CA ALA E 109 10.89 14.89 41.31
C ALA E 109 9.66 14.05 41.58
N ALA E 110 9.27 13.25 40.58
CA ALA E 110 8.25 12.23 40.77
C ALA E 110 8.95 10.93 41.08
N VAL E 111 8.35 10.14 41.96
CA VAL E 111 8.80 8.77 42.18
C VAL E 111 7.69 7.89 41.65
N ILE E 112 7.96 7.22 40.54
CA ILE E 112 7.02 6.30 39.92
C ILE E 112 7.19 4.95 40.58
N VAL E 113 6.09 4.36 41.04
CA VAL E 113 6.13 3.05 41.66
C VAL E 113 5.18 2.16 40.88
N LEU E 114 5.73 1.17 40.19
CA LEU E 114 4.96 0.21 39.41
C LEU E 114 4.93 -1.10 40.18
N PHE E 115 3.75 -1.49 40.63
CA PHE E 115 3.54 -2.77 41.30
C PHE E 115 3.18 -3.85 40.30
N ASP E 116 3.45 -5.10 40.67
CA ASP E 116 2.85 -6.23 39.96
C ASP E 116 1.50 -6.55 40.61
N ASP E 117 0.80 -7.55 40.06
CA ASP E 117 -0.56 -7.79 40.50
C ASP E 117 -0.66 -8.52 41.83
N ASN E 118 0.46 -8.85 42.48
CA ASN E 118 0.45 -9.30 43.87
C ASN E 118 0.90 -8.21 44.84
N PHE E 119 0.97 -6.96 44.38
CA PHE E 119 1.44 -5.80 45.15
C PHE E 119 2.91 -5.84 45.50
N ARG E 120 3.72 -6.60 44.77
CA ARG E 120 5.16 -6.50 44.89
C ARG E 120 5.68 -5.40 43.98
N VAL E 121 6.74 -4.72 44.43
CA VAL E 121 7.36 -3.65 43.65
C VAL E 121 7.99 -4.25 42.39
N TRP E 122 7.52 -3.82 41.22
CA TRP E 122 8.11 -4.29 39.98
C TRP E 122 9.22 -3.38 39.49
N ARG E 123 8.96 -2.08 39.41
CA ARG E 123 9.94 -1.09 38.99
C ARG E 123 9.61 0.23 39.66
N ALA E 124 10.64 0.97 40.07
CA ALA E 124 10.49 2.31 40.60
C ALA E 124 11.54 3.22 39.98
N ALA E 125 11.20 4.50 39.84
CA ALA E 125 12.10 5.45 39.19
C ALA E 125 11.89 6.85 39.74
N ARG E 126 12.98 7.57 39.94
CA ARG E 126 12.94 8.97 40.32
C ARG E 126 13.14 9.83 39.08
N VAL E 127 12.14 10.63 38.75
CA VAL E 127 12.12 11.40 37.51
C VAL E 127 12.11 12.89 37.84
N PRO E 128 13.12 13.64 37.39
CA PRO E 128 13.13 15.09 37.63
C PRO E 128 11.89 15.75 37.06
N ALA E 129 11.43 16.80 37.75
CA ALA E 129 10.24 17.52 37.33
C ALA E 129 10.33 17.99 35.87
N ALA E 130 11.51 18.45 35.45
CA ALA E 130 11.64 18.95 34.09
C ALA E 130 11.42 17.85 33.06
N ILE E 131 11.88 16.63 33.36
CA ILE E 131 11.69 15.50 32.45
C ILE E 131 10.22 15.10 32.43
N MET E 132 9.54 15.16 33.59
CA MET E 132 8.11 14.89 33.64
C MET E 132 7.35 15.85 32.73
N LYS E 133 7.70 17.14 32.77
CA LYS E 133 7.03 18.13 31.94
C LYS E 133 7.23 17.82 30.46
N GLU E 134 8.46 17.44 30.08
CA GLU E 134 8.74 17.16 28.68
C GLU E 134 7.91 16.00 28.18
N ALA E 135 7.55 15.07 29.07
CA ALA E 135 6.79 13.89 28.70
C ALA E 135 5.27 14.07 28.82
N ALA E 136 4.80 15.21 29.32
CA ALA E 136 3.40 15.39 29.63
C ALA E 136 2.63 15.98 28.46
N TYR E 137 1.36 15.62 28.37
CA TYR E 137 0.46 16.38 27.52
C TYR E 137 -0.74 16.83 28.35
N TYR E 138 -1.35 17.91 27.89
CA TYR E 138 -2.39 18.57 28.66
C TYR E 138 -3.75 18.00 28.32
N SER E 139 -4.60 17.86 29.34
CA SER E 139 -5.97 17.39 29.15
C SER E 139 -6.89 18.51 29.62
N GLN E 140 -7.55 19.18 28.67
CA GLN E 140 -8.46 20.24 29.04
C GLN E 140 -9.66 19.70 29.81
N HIS E 141 -10.01 18.43 29.60
CA HIS E 141 -11.18 17.86 30.26
C HIS E 141 -11.03 17.89 31.77
N VAL E 142 -9.84 17.61 32.28
CA VAL E 142 -9.60 17.53 33.72
C VAL E 142 -8.72 18.67 34.23
N ARG E 143 -8.31 19.59 33.36
CA ARG E 143 -7.40 20.68 33.72
C ARG E 143 -6.16 20.13 34.42
N GLY E 144 -5.51 19.15 33.78
CA GLY E 144 -4.29 18.56 34.31
C GLY E 144 -3.46 17.95 33.21
N TYR E 145 -2.26 17.52 33.59
CA TYR E 145 -1.27 16.98 32.65
C TYR E 145 -1.16 15.47 32.85
N THR E 146 -1.03 14.74 31.74
CA THR E 146 -0.91 13.29 31.75
C THR E 146 0.51 12.88 31.37
N VAL E 147 1.15 12.07 32.22
CA VAL E 147 2.47 11.51 31.95
C VAL E 147 2.36 9.99 31.97
N TYR E 148 2.99 9.32 31.01
CA TYR E 148 3.04 7.87 30.97
C TYR E 148 4.40 7.35 31.43
N ALA E 149 4.39 6.40 32.36
CA ALA E 149 5.61 5.74 32.81
C ALA E 149 6.06 4.69 31.79
N LYS E 150 6.31 5.17 30.56
CA LYS E 150 6.76 4.28 29.49
C LYS E 150 8.22 3.88 29.72
N ASP E 151 8.62 2.76 29.07
CA ASP E 151 9.97 2.27 29.31
C ASP E 151 11.04 3.32 29.01
N ALA E 152 10.80 4.15 27.99
CA ALA E 152 11.79 5.16 27.63
C ALA E 152 11.99 6.15 28.77
N LEU E 153 10.91 6.46 29.49
CA LEU E 153 10.99 7.37 30.62
C LEU E 153 11.70 6.71 31.80
N LEU E 154 11.34 5.47 32.12
CA LEU E 154 11.98 4.76 33.22
C LEU E 154 13.47 4.56 32.97
N ASN E 155 13.87 4.36 31.72
CA ASN E 155 15.25 4.12 31.35
C ASN E 155 16.00 5.39 30.96
N HIS E 156 15.37 6.55 31.08
CA HIS E 156 16.02 7.80 30.71
C HIS E 156 17.34 7.95 31.47
N SER E 157 18.36 8.50 30.78
CA SER E 157 19.69 8.63 31.36
C SER E 157 19.68 9.51 32.61
N GLU E 158 18.73 10.43 32.70
CA GLU E 158 18.64 11.37 33.81
C GLU E 158 17.60 10.94 34.82
N VAL E 159 17.15 9.70 34.74
CA VAL E 159 16.20 9.12 35.68
C VAL E 159 16.94 8.12 36.54
N GLU E 160 16.69 8.13 37.84
CA GLU E 160 17.35 7.20 38.74
C GLU E 160 16.47 5.97 38.91
N ASP E 161 17.08 4.79 38.84
CA ASP E 161 16.37 3.54 39.10
C ASP E 161 16.26 3.33 40.60
N TRP E 162 15.03 3.30 41.12
CA TRP E 162 14.79 3.11 42.54
C TRP E 162 14.19 1.74 42.86
N THR E 163 14.24 0.80 41.91
CA THR E 163 13.58 -0.48 42.11
C THR E 163 14.13 -1.22 43.32
N GLU E 164 15.45 -1.39 43.40
CA GLU E 164 16.01 -2.11 44.53
C GLU E 164 15.82 -1.35 45.84
N GLN E 165 15.94 -0.02 45.80
CA GLN E 165 15.77 0.76 47.02
C GLN E 165 14.37 0.58 47.61
N LEU E 166 13.35 0.53 46.75
CA LEU E 166 12.00 0.30 47.26
C LEU E 166 11.80 -1.15 47.67
N ARG E 167 12.43 -2.08 46.93
CA ARG E 167 12.35 -3.49 47.29
C ARG E 167 12.98 -3.78 48.66
N SER E 168 14.06 -3.07 49.03
CA SER E 168 14.71 -3.37 50.30
C SER E 168 13.91 -2.87 51.52
N VAL E 169 12.86 -2.09 51.33
CA VAL E 169 11.99 -1.65 52.43
C VAL E 169 10.61 -2.26 52.32
N GLU E 170 10.39 -3.11 51.32
CA GLU E 170 9.12 -3.78 51.08
C GLU E 170 8.83 -4.84 52.14
N GLN E 171 9.52 -5.98 52.08
CA GLN E 171 9.29 -7.08 53.02
C GLN E 171 10.46 -8.06 52.96
N1 5CM F 4 -4.96 1.96 0.73
N1 5CM F 4 -4.28 -1.26 13.97
C2 5CM F 4 -5.29 0.91 1.58
C2 5CM F 4 -5.25 -1.11 12.96
N3 5CM F 4 -4.41 0.57 2.56
N3 5CM F 4 -5.13 -0.07 12.11
C4 5CM F 4 -3.28 1.25 2.73
C4 5CM F 4 -4.12 0.79 12.21
C5 5CM F 4 -2.92 2.36 1.90
C5 5CM F 4 -3.10 0.66 13.21
C5A 5CM F 4 -1.66 3.16 2.18
C5A 5CM F 4 -1.94 1.61 13.27
C6 5CM F 4 -3.79 2.66 0.92
C6 5CM F 4 -3.25 -0.38 14.05
O2 5CM F 4 -6.37 0.35 1.44
O2 5CM F 4 -6.13 -1.96 12.86
N4 5CM F 4 -2.43 0.83 3.69
N4 5CM F 4 -4.10 1.82 11.36
C1' 5CM F 4 -5.91 2.33 -0.33
C1' 5CM F 4 -4.43 -2.39 14.91
C2' 5CM F 4 -7.18 3.03 0.18
C2' 5CM F 4 -4.06 -3.75 14.29
C3' 5CM F 4 -6.85 4.50 -0.02
C3' 5CM F 4 -2.62 -3.91 14.72
C4' 5CM F 4 -6.04 4.45 -1.31
C4' 5CM F 4 -2.64 -3.31 16.11
O4' 5CM F 4 -5.26 3.25 -1.20
O4' 5CM F 4 -3.53 -2.18 16.00
O3' 5CM F 4 -8.03 5.28 -0.15
O3' 5CM F 4 -2.20 -5.27 14.75
C5' 5CM F 4 -5.15 5.64 -1.53
C5' 5CM F 4 -1.29 -2.88 16.62
O5' 5CM F 4 -4.27 5.72 -0.38
O5' 5CM F 4 -0.76 -1.94 15.66
P 5CM F 4 -3.26 6.96 -0.27
P 5CM F 4 0.72 -1.35 15.88
OP1 5CM F 4 -4.05 8.26 -0.31
OP1 5CM F 4 1.78 -2.41 15.95
OP2 5CM F 4 -2.42 6.78 0.97
OP2 5CM F 4 0.87 -0.37 14.72
N1 5CM F 7 -10.07 0.76 13.04
N1 5CM F 7 -4.95 -4.18 0.88
C2 5CM F 7 -8.84 0.78 13.69
C2 5CM F 7 -4.46 -2.95 0.44
N3 5CM F 7 -8.02 1.85 13.48
N3 5CM F 7 -3.29 -2.52 0.95
C4 5CM F 7 -8.38 2.84 12.66
C4 5CM F 7 -2.60 -3.26 1.82
C5 5CM F 7 -9.66 2.85 11.99
C5 5CM F 7 -3.06 -4.54 2.26
C5A 5CM F 7 -10.04 3.97 11.07
C5A 5CM F 7 -2.19 -5.43 3.10
C6 5CM F 7 -10.45 1.79 12.22
C6 5CM F 7 -4.24 -4.94 1.77
O2 5CM F 7 -8.57 -0.12 14.49
O2 5CM F 7 -5.08 -2.35 -0.44
N4 5CM F 7 -7.51 3.83 12.46
N4 5CM F 7 -1.47 -2.74 2.31
C1' 5CM F 7 -10.94 -0.38 13.31
C1' 5CM F 7 -6.23 -4.64 0.32
C2' 5CM F 7 -11.97 -0.11 14.39
C2' 5CM F 7 -6.10 -5.62 -0.83
C3' 5CM F 7 -13.12 -1.05 14.00
C3' 5CM F 7 -7.42 -6.39 -0.77
C4' 5CM F 7 -12.79 -1.49 12.57
C4' 5CM F 7 -7.96 -6.08 0.64
O4' 5CM F 7 -11.68 -0.66 12.14
O4' 5CM F 7 -6.93 -5.34 1.32
O3' 5CM F 7 -13.08 -2.20 14.84
O3' 5CM F 7 -8.35 -5.86 -1.71
C5' 5CM F 7 -13.91 -1.45 11.57
C5' 5CM F 7 -8.37 -7.26 1.47
O5' 5CM F 7 -14.39 -0.10 11.45
O5' 5CM F 7 -7.27 -8.19 1.59
P 5CM F 7 -15.57 0.17 10.38
P 5CM F 7 -7.54 -9.49 2.52
OP1 5CM F 7 -16.54 -0.99 10.35
OP1 5CM F 7 -8.97 -9.93 2.25
OP2 5CM F 7 -16.21 1.51 10.68
OP2 5CM F 7 -6.46 -10.50 2.23
N1 5CM G 4 -4.27 -1.27 13.95
N1 5CM G 4 -4.97 1.96 0.73
C2 5CM G 4 -5.23 -1.13 12.95
C2 5CM G 4 -5.30 0.90 1.57
N3 5CM G 4 -5.11 -0.10 12.08
N3 5CM G 4 -4.44 0.57 2.56
C4 5CM G 4 -4.11 0.77 12.19
C4 5CM G 4 -3.30 1.25 2.73
C5 5CM G 4 -3.10 0.65 13.20
C5 5CM G 4 -2.93 2.35 1.91
C5A 5CM G 4 -1.96 1.63 13.26
C5A 5CM G 4 -1.68 3.16 2.19
C6 5CM G 4 -3.24 -0.37 14.05
C6 5CM G 4 -3.79 2.66 0.92
O2 5CM G 4 -6.13 -1.96 12.87
O2 5CM G 4 -6.39 0.35 1.42
N4 5CM G 4 -4.09 1.81 11.36
N4 5CM G 4 -2.47 0.84 3.71
C1' 5CM G 4 -4.42 -2.40 14.90
C1' 5CM G 4 -5.91 2.32 -0.34
C2' 5CM G 4 -4.07 -3.75 14.29
C2' 5CM G 4 -7.18 3.02 0.16
C3' 5CM G 4 -2.61 -3.92 14.70
C3' 5CM G 4 -6.84 4.49 -0.04
C4' 5CM G 4 -2.63 -3.31 16.11
C4' 5CM G 4 -6.03 4.45 -1.31
O4' 5CM G 4 -3.52 -2.19 15.99
O4' 5CM G 4 -5.25 3.24 -1.21
O3' 5CM G 4 -2.20 -5.29 14.75
O3' 5CM G 4 -8.03 5.29 -0.16
C5' 5CM G 4 -1.28 -2.89 16.60
C5' 5CM G 4 -5.12 5.63 -1.52
O5' 5CM G 4 -0.76 -1.93 15.66
O5' 5CM G 4 -4.25 5.70 -0.37
P 5CM G 4 0.72 -1.35 15.87
P 5CM G 4 -3.24 6.95 -0.25
OP1 5CM G 4 1.81 -2.39 15.94
OP1 5CM G 4 -4.04 8.23 -0.29
OP2 5CM G 4 0.87 -0.35 14.74
OP2 5CM G 4 -2.40 6.76 0.98
N1 5CM G 7 -4.96 -4.19 0.87
N1 5CM G 7 -10.07 0.76 13.05
C2 5CM G 7 -4.47 -2.96 0.42
C2 5CM G 7 -8.85 0.79 13.70
N3 5CM G 7 -3.28 -2.52 0.93
N3 5CM G 7 -8.02 1.85 13.49
C4 5CM G 7 -2.61 -3.26 1.81
C4 5CM G 7 -8.39 2.84 12.66
C5 5CM G 7 -3.07 -4.55 2.26
C5 5CM G 7 -9.66 2.85 11.99
C5A 5CM G 7 -2.22 -5.42 3.14
C5A 5CM G 7 -10.02 3.96 11.04
C6 5CM G 7 -4.25 -4.93 1.77
C6 5CM G 7 -10.45 1.79 12.22
O2 5CM G 7 -5.10 -2.32 -0.42
O2 5CM G 7 -8.57 -0.11 14.49
N4 5CM G 7 -1.45 -2.76 2.29
N4 5CM G 7 -7.51 3.83 12.45
C1' 5CM G 7 -6.24 -4.64 0.31
C1' 5CM G 7 -10.94 -0.38 13.32
C2' 5CM G 7 -6.10 -5.63 -0.84
C2' 5CM G 7 -11.98 -0.10 14.39
C3' 5CM G 7 -7.43 -6.39 -0.76
C3' 5CM G 7 -13.12 -1.03 14.01
C4' 5CM G 7 -7.96 -6.08 0.64
C4' 5CM G 7 -12.79 -1.47 12.58
O4' 5CM G 7 -6.92 -5.35 1.32
O4' 5CM G 7 -11.68 -0.65 12.15
O3' 5CM G 7 -8.35 -5.84 -1.71
O3' 5CM G 7 -13.10 -2.19 14.84
C5' 5CM G 7 -8.39 -7.25 1.48
C5' 5CM G 7 -13.91 -1.43 11.57
O5' 5CM G 7 -7.28 -8.18 1.59
O5' 5CM G 7 -14.39 -0.09 11.44
P 5CM G 7 -7.55 -9.48 2.52
P 5CM G 7 -15.58 0.18 10.36
OP1 5CM G 7 -8.96 -9.96 2.25
OP1 5CM G 7 -16.56 -0.98 10.33
OP2 5CM G 7 -6.46 -10.48 2.25
OP2 5CM G 7 -16.20 1.52 10.70
N1 5CM H 4 6.23 -5.44 -19.60
N1 5CM H 4 17.98 -3.25 -26.43
C2 5CM H 4 6.86 -4.43 -20.33
C2 5CM H 4 16.59 -3.28 -26.67
N3 5CM H 4 8.18 -4.21 -20.11
N3 5CM H 4 15.87 -4.28 -26.07
C4 5CM H 4 8.86 -4.96 -19.23
C4 5CM H 4 16.47 -5.20 -25.31
C5 5CM H 4 8.25 -6.01 -18.50
C5 5CM H 4 17.87 -5.19 -25.06
C5A 5CM H 4 9.05 -6.85 -17.55
C5A 5CM H 4 18.50 -6.22 -24.16
C6 5CM H 4 6.94 -6.20 -18.72
C6 5CM H 4 18.57 -4.20 -25.65
O2 5CM H 4 6.20 -3.76 -21.13
O2 5CM H 4 16.08 -2.42 -27.36
N4 5CM H 4 10.15 -4.67 -19.03
N4 5CM H 4 15.70 -6.16 -24.78
C1' 5CM H 4 4.79 -5.65 -19.84
C1' 5CM H 4 18.79 -2.17 -27.07
C2' 5CM H 4 4.48 -6.30 -21.19
C2' 5CM H 4 18.62 -0.79 -26.42
C3' 5CM H 4 4.27 -7.76 -20.80
C3' 5CM H 4 19.78 -0.78 -25.44
C4' 5CM H 4 3.62 -7.64 -19.44
C4' 5CM H 4 20.86 -1.49 -26.23
O4' 5CM H 4 4.27 -6.51 -18.82
O4' 5CM H 4 20.16 -2.52 -26.95
O3' 5CM H 4 3.43 -8.43 -21.74
O3' 5CM H 4 20.20 0.54 -25.08
C5' 5CM H 4 3.80 -8.86 -18.59
C5' 5CM H 4 21.96 -2.08 -25.38
O5' 5CM H 4 5.22 -9.08 -18.50
O5' 5CM H 4 21.39 -3.01 -24.46
P 5CM H 4 5.72 -10.42 -17.73
P 5CM H 4 22.34 -3.66 -23.30
OP1 5CM H 4 5.11 -11.60 -18.45
OP1 5CM H 4 23.00 -2.56 -22.50
OP2 5CM H 4 7.22 -10.42 -17.68
OP2 5CM H 4 21.53 -4.62 -22.46
N1 5CM H 7 13.83 -4.88 -30.69
N1 5CM H 7 7.07 0.65 -19.70
C2 5CM H 7 15.04 -5.04 -30.01
C2 5CM H 7 6.88 -0.57 -19.04
N3 5CM H 7 15.19 -6.14 -29.22
N3 5CM H 7 7.90 -1.06 -18.29
C4 5CM H 7 14.21 -7.04 -29.10
C4 5CM H 7 9.06 -0.40 -18.19
C5 5CM H 7 12.98 -6.92 -29.81
C5 5CM H 7 9.28 0.86 -18.85
C5A 5CM H 7 11.93 -7.99 -29.72
C5A 5CM H 7 10.55 1.61 -18.62
C6 5CM H 7 12.84 -5.82 -30.58
C6 5CM H 7 8.26 1.31 -19.59
O2 5CM H 7 15.96 -4.24 -30.22
O2 5CM H 7 5.77 -1.11 -19.08
N4 5CM H 7 14.39 -8.04 -28.23
N4 5CM H 7 10.05 -0.94 -17.46
C1' 5CM H 7 13.67 -3.70 -31.54
C1' 5CM H 7 5.92 1.23 -20.43
C2' 5CM H 7 13.95 -3.97 -33.01
C2' 5CM H 7 5.18 2.30 -19.66
C3' 5CM H 7 13.09 -2.94 -33.72
C3' 5CM H 7 4.56 3.15 -20.78
C4' 5CM H 7 12.14 -2.42 -32.63
C4' 5CM H 7 5.35 2.74 -22.04
O4' 5CM H 7 12.32 -3.28 -31.49
O4' 5CM H 7 6.41 1.87 -21.58
O3' 5CM H 7 13.90 -1.86 -34.18
O3' 5CM H 7 3.19 2.78 -20.98
C5' 5CM H 7 10.67 -2.32 -32.99
C5' 5CM H 7 5.94 3.85 -22.89
O5' 5CM H 7 10.15 -3.63 -33.33
O5' 5CM H 7 6.77 4.68 -22.06
P 5CM H 7 8.59 -3.74 -33.75
P 5CM H 7 7.55 5.94 -22.74
OP1 5CM H 7 8.17 -2.53 -34.57
OP1 5CM H 7 6.62 6.65 -23.69
OP2 5CM H 7 8.38 -5.05 -34.48
OP2 5CM H 7 8.00 6.76 -21.55
N1 5CM I 4 17.98 -3.24 -26.41
N1 5CM I 4 6.21 -5.45 -19.60
C2 5CM I 4 16.60 -3.25 -26.63
C2 5CM I 4 6.85 -4.46 -20.35
N3 5CM I 4 15.86 -4.26 -26.07
N3 5CM I 4 8.18 -4.25 -20.15
C4 5CM I 4 16.46 -5.21 -25.33
C4 5CM I 4 8.86 -4.97 -19.25
C5 5CM I 4 17.87 -5.21 -25.08
C5 5CM I 4 8.24 -5.99 -18.48
C5A 5CM I 4 18.49 -6.27 -24.21
C5A 5CM I 4 9.05 -6.82 -17.53
C6 5CM I 4 18.57 -4.21 -25.64
C6 5CM I 4 6.93 -6.19 -18.68
O2 5CM I 4 16.10 -2.39 -27.34
O2 5CM I 4 6.19 -3.80 -21.15
N4 5CM I 4 15.69 -6.18 -24.82
N4 5CM I 4 10.14 -4.65 -19.03
C1' 5CM I 4 18.78 -2.18 -27.06
C1' 5CM I 4 4.77 -5.65 -19.84
C2' 5CM I 4 18.62 -0.80 -26.41
C2' 5CM I 4 4.46 -6.29 -21.18
C3' 5CM I 4 19.79 -0.78 -25.43
C3' 5CM I 4 4.25 -7.76 -20.82
C4' 5CM I 4 20.87 -1.51 -26.23
C4' 5CM I 4 3.59 -7.63 -19.45
O4' 5CM I 4 20.15 -2.54 -26.95
O4' 5CM I 4 4.25 -6.51 -18.82
O3' 5CM I 4 20.21 0.53 -25.09
O3' 5CM I 4 3.41 -8.43 -21.75
C5' 5CM I 4 21.96 -2.10 -25.40
C5' 5CM I 4 3.78 -8.85 -18.59
O5' 5CM I 4 21.39 -3.04 -24.47
O5' 5CM I 4 5.20 -9.06 -18.48
P 5CM I 4 22.30 -3.68 -23.31
P 5CM I 4 5.68 -10.41 -17.71
OP1 5CM I 4 22.96 -2.58 -22.51
OP1 5CM I 4 5.12 -11.58 -18.46
OP2 5CM I 4 21.50 -4.65 -22.48
OP2 5CM I 4 7.20 -10.38 -17.62
N1 5CM I 7 7.09 0.64 -19.67
N1 5CM I 7 13.83 -4.88 -30.72
C2 5CM I 7 6.91 -0.57 -19.01
C2 5CM I 7 15.03 -5.03 -30.01
N3 5CM I 7 7.94 -1.05 -18.26
N3 5CM I 7 15.18 -6.12 -29.23
C4 5CM I 7 9.09 -0.39 -18.17
C4 5CM I 7 14.20 -7.04 -29.13
C5 5CM I 7 9.30 0.85 -18.84
C5 5CM I 7 12.98 -6.93 -29.87
C5A 5CM I 7 10.60 1.60 -18.67
C5A 5CM I 7 11.94 -8.00 -29.80
C6 5CM I 7 8.28 1.31 -19.58
C6 5CM I 7 12.85 -5.83 -30.63
O2 5CM I 7 5.80 -1.12 -19.06
O2 5CM I 7 15.94 -4.22 -30.19
N4 5CM I 7 10.07 -0.93 -17.43
N4 5CM I 7 14.37 -8.03 -28.26
C1' 5CM I 7 5.95 1.21 -20.43
C1' 5CM I 7 13.68 -3.69 -31.57
C2' 5CM I 7 5.18 2.28 -19.67
C2' 5CM I 7 13.92 -3.98 -33.04
C3' 5CM I 7 4.57 3.12 -20.78
C3' 5CM I 7 13.06 -2.94 -33.74
C4' 5CM I 7 5.38 2.71 -22.03
C4' 5CM I 7 12.13 -2.42 -32.64
O4' 5CM I 7 6.44 1.87 -21.57
O4' 5CM I 7 12.33 -3.26 -31.50
O3' 5CM I 7 3.21 2.75 -20.99
O3' 5CM I 7 13.87 -1.87 -34.21
C5' 5CM I 7 5.93 3.84 -22.87
C5' 5CM I 7 10.66 -2.32 -33.00
O5' 5CM I 7 6.78 4.64 -22.03
O5' 5CM I 7 10.15 -3.63 -33.32
P 5CM I 7 7.54 5.91 -22.70
P 5CM I 7 8.60 -3.75 -33.78
OP1 5CM I 7 6.61 6.62 -23.65
OP1 5CM I 7 8.20 -2.55 -34.62
OP2 5CM I 7 8.12 6.78 -21.60
OP2 5CM I 7 8.42 -5.07 -34.49
N1 5CM J 4 -7.45 13.91 45.76
C2 5CM J 4 -8.25 12.82 45.46
N3 5CM J 4 -9.21 12.98 44.49
C4 5CM J 4 -9.36 14.14 43.86
C5 5CM J 4 -8.52 15.27 44.12
C5A 5CM J 4 -8.69 16.54 43.34
C6 5CM J 4 -7.59 15.10 45.08
O2 5CM J 4 -8.05 11.76 46.03
N4 5CM J 4 -10.39 14.24 42.98
C1' 5CM J 4 -6.44 13.74 46.83
C2' 5CM J 4 -5.22 12.92 46.39
C3' 5CM J 4 -4.24 14.01 45.99
C4' 5CM J 4 -4.53 15.07 47.06
O4' 5CM J 4 -5.96 15.03 47.20
O3' 5CM J 4 -2.89 13.58 46.08
C5' 5CM J 4 -4.08 16.44 46.66
O5' 5CM J 4 -4.72 16.75 45.39
P 5CM J 4 -4.36 18.15 44.65
OP1 5CM J 4 -2.87 18.21 44.41
OP2 5CM J 4 -5.24 18.26 43.43
N1 5CM J 7 -7.48 4.81 35.86
C2 5CM J 7 -8.33 5.57 35.04
N3 5CM J 7 -7.97 6.85 34.78
C4 5CM J 7 -6.84 7.37 35.25
C5 5CM J 7 -5.94 6.61 36.07
C5A 5CM J 7 -4.61 7.18 36.53
C6 5CM J 7 -6.32 5.35 36.35
O2 5CM J 7 -9.31 5.04 34.53
N4 5CM J 7 -6.54 8.63 34.92
C1' 5CM J 7 -7.87 3.42 36.16
C2' 5CM J 7 -7.07 2.36 35.41
C3' 5CM J 7 -7.24 1.14 36.33
C4' 5CM J 7 -7.60 1.75 37.70
O4' 5CM J 7 -7.62 3.18 37.51
O3' 5CM J 7 -8.36 0.37 35.92
C5' 5CM J 7 -6.75 1.38 38.88
O5' 5CM J 7 -5.36 1.51 38.54
P 5CM J 7 -4.26 1.18 39.68
OP1 5CM J 7 -4.57 -0.15 40.32
OP2 5CM J 7 -2.88 1.30 39.08
N1 5CM K 4 -7.45 13.91 45.78
C2 5CM K 4 -8.24 12.82 45.46
N3 5CM K 4 -9.18 12.96 44.48
C4 5CM K 4 -9.33 14.12 43.84
C5 5CM K 4 -8.50 15.27 44.13
C5A 5CM K 4 -8.69 16.56 43.37
C6 5CM K 4 -7.59 15.10 45.10
O2 5CM K 4 -8.03 11.75 46.04
N4 5CM K 4 -10.33 14.22 42.94
C1' 5CM K 4 -6.45 13.74 46.85
C2' 5CM K 4 -5.23 12.93 46.40
C3' 5CM K 4 -4.25 14.03 46.00
C4' 5CM K 4 -4.54 15.07 47.06
O4' 5CM K 4 -5.98 15.03 47.23
O3' 5CM K 4 -2.91 13.58 46.08
C5' 5CM K 4 -4.10 16.46 46.67
O5' 5CM K 4 -4.70 16.73 45.39
P 5CM K 4 -4.35 18.15 44.66
OP1 5CM K 4 -2.87 18.17 44.42
OP2 5CM K 4 -5.23 18.26 43.42
N1 5CM K 7 -7.48 4.80 35.84
C2 5CM K 7 -8.33 5.57 35.04
N3 5CM K 7 -7.98 6.85 34.78
C4 5CM K 7 -6.83 7.36 35.26
C5 5CM K 7 -5.93 6.59 36.06
C5A 5CM K 7 -4.61 7.16 36.53
C6 5CM K 7 -6.31 5.33 36.33
O2 5CM K 7 -9.32 5.04 34.55
N4 5CM K 7 -6.54 8.63 34.95
C1' 5CM K 7 -7.87 3.42 36.15
C2' 5CM K 7 -7.08 2.35 35.41
C3' 5CM K 7 -7.25 1.14 36.33
C4' 5CM K 7 -7.59 1.75 37.69
O4' 5CM K 7 -7.61 3.19 37.51
O3' 5CM K 7 -8.38 0.38 35.91
C5' 5CM K 7 -6.74 1.39 38.88
O5' 5CM K 7 -5.34 1.48 38.53
P 5CM K 7 -4.25 1.16 39.71
OP1 5CM K 7 -4.57 -0.16 40.36
OP2 5CM K 7 -2.89 1.26 39.08
C1 EDO L . 7.57 9.21 8.73
O1 EDO L . 7.46 10.40 9.54
C2 EDO L . 8.50 9.47 7.55
O2 EDO L . 8.46 8.36 6.65
CA CA M . -11.71 7.75 1.37
C1 EDO N . 4.71 -4.10 23.47
O1 EDO N . 5.51 -3.08 22.84
C2 EDO N . 5.03 -5.46 22.86
O2 EDO N . 6.42 -5.74 23.04
C1 EDO O . -5.69 -21.73 -4.08
O1 EDO O . -4.65 -22.13 -4.98
C2 EDO O . -5.89 -20.22 -4.20
O2 EDO O . -7.11 -19.87 -3.57
CA CA P . -0.74 -9.33 12.98
CA CA Q . 1.72 -10.76 -26.25
C1 EDO R . 28.87 -4.52 -25.68
O1 EDO R . 27.73 -4.88 -26.48
C2 EDO R . 29.26 -3.09 -26.01
O2 EDO R . 30.26 -2.60 -25.10
C1 EDO S . 4.22 17.62 -18.01
O1 EDO S . 4.45 17.91 -16.62
C2 EDO S . 3.30 16.40 -18.11
O2 EDO S . 2.87 16.15 -19.47
C1 EDO T . 28.11 16.91 -11.34
O1 EDO T . 28.18 18.33 -11.47
C2 EDO T . 27.35 16.55 -10.09
O2 EDO T . 27.68 15.24 -9.63
C1 EDO U . 19.87 10.14 -33.64
O1 EDO U . 20.02 9.37 -34.85
C2 EDO U . 18.99 9.37 -32.66
O2 EDO U . 19.71 8.94 -31.50
CA CA V . 19.90 4.62 -22.85
CA CA W . 1.01 11.35 44.68
C1 EDO X . 2.91 7.15 -20.95
O1 EDO X . 2.25 7.34 -22.22
C2 EDO X . 4.42 7.07 -21.23
O2 EDO X . 5.24 6.97 -20.05
#